data_8ZR5
#
_entry.id   8ZR5
#
_cell.length_a   1.00
_cell.length_b   1.00
_cell.length_c   1.00
_cell.angle_alpha   90.00
_cell.angle_beta   90.00
_cell.angle_gamma   90.00
#
_symmetry.space_group_name_H-M   'P 1'
#
loop_
_entity.id
_entity.type
_entity.pdbx_description
1 polymer 'Guanine nucleotide-binding protein G(s) subunit alpha isoforms short'
2 polymer 'Guanine nucleotide-binding protein G(I)/G(S)/G(T) subunit beta-1'
3 polymer 'Guanine nucleotide-binding protein G(I)/G(S)/G(O) subunit gamma-2'
4 polymer 'Nanobody 35'
5 polymer 'Glucose-dependent insulinotropic receptor'
6 non-polymer 4-[5-[(1~{R})-1-(4-cyclopropylcarbonylphenoxy)propyl]-1,2,4-oxadiazol-3-yl]-2-fluoranyl-~{N}-[(2~{R})-1-oxidanylpropan-2-yl]benzamide
#
loop_
_entity_poly.entity_id
_entity_poly.type
_entity_poly.pdbx_seq_one_letter_code
_entity_poly.pdbx_strand_id
1 'polypeptide(L)'
;MGCLGNSKTEDQRNEEKAQREANKKIEKQLQKDKQVYRATHRLLLLGAGESGKNTIVKQMRILHVNGFNGEGGEEDPQAA
RSNSDGEKATKVQDIKNNLKEAIETIVAAMSNLVPPVELANPENQFRVDYILSVMNVPDFDFPPEFYEHAKALWEDEGVR
ACYERSNEYQLIDCAQYFLDKIDVIKQADYVPSDQDLLRCRVLTSGIFETKFQVDKVNFHMFDVGAQRDERRKWIQCFND
VTAIIFVVASSSYNMVIREDNQTNRLQAALKLFDSIWNNKWLRDTSVILFLNKQDLLAEKVLAGKSKIEDYFPEFARYTT
PEDATPEPGEDPRVTRAKYFIRDEFLRISTASGDGRHYCYPHFTCAVDTENIRRVFNDCRDIIQRMHLRQYELL
;
A
2 'polypeptide(L)'
;MHHHHHHHHHHLEVLFQGPGSSGSELDQLRQEAEQLKNQIRDARKACADATLSQITNNIDPVGRIQMRTRRTLRGHLAKI
YAMHWGTDSRLLVSASQDGKLIIWDSYTTNKVHAIPLRSSWVMTCAYAPSGNYVACGGLDNICSIYNLKTREGNVRVSRE
LAGHTGYLSCCRFLDDNQIVTSSGDTTCALWDIETGQQTTTFTGHTGDVMSLSLAPDTRLFVSGACDASAKLWDVREGMC
RQTFTGHESDINAICFFPNGNAFATGSDDATCRLFDLRADQELMTYSHDNIICGITSVSFSKSGRLLLAGYDDFNCNVWD
ALKADRAGVLAGHDNRVSCLGVTDDGMAVATGSWDSFLKIWNVSGWRLFKKIS
;
B
3 'polypeptide(L)' MASNNTASIAQARKLVEQLKMEANIDRIKVSKAAADLMAYCEAHAKEDPLLTPVPASENPFREKKFFCAIL G
4 'polypeptide(L)'
;MKYLLPTAAAGLLLLAAQPAMAMQVQLQESGGGLVQPGGSLRLSCAASGFTFSNYKMNWVRQAPGKGLEWVSDISQSGAS
ISYTGSVKGRFTISRDNAKNTLYLQMNSLKPEDTAVYYCARCPAPFTRDCFDVTSTTYAYRGQGTQVTVSSHHHHHH
;
N
5 'polypeptide(L)'
;DYKDDDDKLEVLFQGPMESSFSFGVILAVLASLIIATNTLVAVAVLLLIHKNDGVSLCFTLNLAVADTLIGVAISGLLTD
QLSSPSRPTQKTLCSLRMAFVTSSAAASVLTVMLITFDRYLAIKQPFRYLKIMSGFVAGACIAGLWLVSYLIGFLPLGIP
MFQQTAYKGQCSFFAVFHPHFVLTLSCVGFFPAMLLFVFFYCDMLKIASMHSQQIRKMEHAGAMAGGYRSPRTPSDFKAL
RTVSVLIGSFALSWTPFLITGIVQVACQECHLYLVLERYLWLLGVGNSLLNPLIYAYWQKEVRLQLYHMALGVKKVLTSF
LLFLSARNCGPERPRESSCHIVTISSSEFDGHHHHHHH
;
C
#
loop_
_chem_comp.id
_chem_comp.type
_chem_comp.name
_chem_comp.formula
A1D8M non-polymer 4-[5-[(1~{R})-1-(4-cyclopropylcarbonylphenoxy)propyl]-1,2,4-oxadiazol-3-yl]-2-fluoranyl-~{N}-[(2~{R})-1-oxidanylpropan-2-yl]benzamide 'C25 H26 F N3 O5'
#
# COMPACT_ATOMS: atom_id res chain seq x y z
N THR A 9 -17.52 43.71 6.48
CA THR A 9 -16.93 42.82 5.49
C THR A 9 -17.98 41.88 4.92
N GLU A 10 -19.09 42.45 4.44
CA GLU A 10 -20.14 41.63 3.86
C GLU A 10 -19.64 40.82 2.68
N ASP A 11 -18.67 41.34 1.93
CA ASP A 11 -18.11 40.60 0.81
C ASP A 11 -17.45 39.32 1.29
N GLN A 12 -16.80 39.37 2.45
CA GLN A 12 -16.19 38.16 3.01
C GLN A 12 -17.24 37.09 3.27
N ARG A 13 -18.38 37.48 3.85
CA ARG A 13 -19.44 36.50 4.11
C ARG A 13 -20.06 35.99 2.82
N ASN A 14 -20.21 36.87 1.83
CA ASN A 14 -20.76 36.43 0.55
C ASN A 14 -19.86 35.40 -0.12
N GLU A 15 -18.55 35.69 -0.18
CA GLU A 15 -17.63 34.72 -0.78
C GLU A 15 -17.54 33.46 0.05
N GLU A 16 -17.67 33.56 1.38
CA GLU A 16 -17.69 32.36 2.20
C GLU A 16 -18.89 31.49 1.88
N LYS A 17 -20.06 32.11 1.70
CA LYS A 17 -21.25 31.35 1.32
C LYS A 17 -21.07 30.69 -0.04
N ALA A 18 -20.51 31.42 -1.00
CA ALA A 18 -20.25 30.83 -2.32
C ALA A 18 -19.30 29.64 -2.20
N GLN A 19 -18.25 29.79 -1.37
CA GLN A 19 -17.31 28.71 -1.16
C GLN A 19 -17.99 27.49 -0.55
N ARG A 20 -18.88 27.71 0.42
CA ARG A 20 -19.59 26.59 1.03
C ARG A 20 -20.47 25.89 0.01
N GLU A 21 -21.14 26.65 -0.86
CA GLU A 21 -21.96 26.04 -1.90
C GLU A 21 -21.11 25.19 -2.84
N ALA A 22 -19.95 25.71 -3.25
CA ALA A 22 -19.05 24.94 -4.11
C ALA A 22 -18.59 23.67 -3.41
N ASN A 23 -18.27 23.77 -2.12
CA ASN A 23 -17.86 22.59 -1.37
C ASN A 23 -18.97 21.55 -1.35
N LYS A 24 -20.21 21.99 -1.12
CA LYS A 24 -21.33 21.03 -1.08
C LYS A 24 -21.51 20.34 -2.42
N LYS A 25 -21.45 21.09 -3.52
CA LYS A 25 -21.58 20.46 -4.84
C LYS A 25 -20.49 19.43 -5.07
N ILE A 26 -19.24 19.79 -4.74
CA ILE A 26 -18.14 18.87 -4.95
C ILE A 26 -18.30 17.64 -4.08
N GLU A 27 -18.79 17.81 -2.85
CA GLU A 27 -18.99 16.67 -1.97
C GLU A 27 -20.03 15.71 -2.53
N LYS A 28 -21.12 16.25 -3.07
CA LYS A 28 -22.13 15.37 -3.69
C LYS A 28 -21.53 14.59 -4.85
N GLN A 29 -20.79 15.28 -5.72
CA GLN A 29 -20.19 14.59 -6.85
C GLN A 29 -19.22 13.51 -6.39
N LEU A 30 -18.44 13.79 -5.36
CA LEU A 30 -17.49 12.80 -4.86
C LEU A 30 -18.20 11.61 -4.22
N GLN A 31 -19.34 11.84 -3.57
CA GLN A 31 -20.10 10.71 -3.03
C GLN A 31 -20.57 9.79 -4.16
N LYS A 32 -21.10 10.37 -5.22
CA LYS A 32 -21.50 9.54 -6.37
C LYS A 32 -20.31 8.79 -6.94
N ASP A 33 -19.17 9.48 -7.08
CA ASP A 33 -17.99 8.85 -7.65
C ASP A 33 -17.49 7.71 -6.78
N LYS A 34 -17.54 7.87 -5.46
CA LYS A 34 -17.16 6.79 -4.56
C LYS A 34 -18.09 5.60 -4.72
N GLN A 35 -19.40 5.86 -4.81
CA GLN A 35 -20.33 4.77 -5.05
C GLN A 35 -19.95 3.97 -6.28
N VAL A 36 -19.64 4.66 -7.38
CA VAL A 36 -19.31 3.96 -8.62
C VAL A 36 -17.96 3.26 -8.51
N TYR A 37 -17.00 3.88 -7.82
CA TYR A 37 -15.63 3.37 -7.80
C TYR A 37 -15.49 2.16 -6.89
N ARG A 38 -16.34 2.03 -5.88
CA ARG A 38 -16.23 0.90 -4.97
C ARG A 38 -16.74 -0.40 -5.58
N ALA A 39 -17.54 -0.33 -6.64
CA ALA A 39 -18.18 -1.48 -7.23
C ALA A 39 -17.60 -1.84 -8.60
N THR A 40 -16.34 -1.51 -8.85
CA THR A 40 -15.65 -1.86 -10.08
C THR A 40 -14.39 -2.62 -9.72
N HIS A 41 -14.10 -3.69 -10.47
CA HIS A 41 -13.02 -4.62 -10.12
C HIS A 41 -11.85 -4.44 -11.09
N ARG A 42 -10.69 -4.12 -10.54
CA ARG A 42 -9.49 -3.84 -11.33
C ARG A 42 -8.58 -5.06 -11.35
N LEU A 43 -8.16 -5.46 -12.55
CA LEU A 43 -7.24 -6.58 -12.73
C LEU A 43 -6.05 -6.13 -13.56
N LEU A 44 -4.87 -6.69 -13.26
CA LEU A 44 -3.65 -6.36 -13.97
C LEU A 44 -3.18 -7.57 -14.76
N LEU A 45 -3.16 -7.47 -16.09
CA LEU A 45 -2.71 -8.56 -16.93
C LEU A 45 -1.20 -8.46 -17.12
N LEU A 46 -0.49 -9.55 -16.83
CA LEU A 46 0.96 -9.58 -16.91
C LEU A 46 1.40 -10.88 -17.55
N GLY A 47 2.56 -10.85 -18.18
CA GLY A 47 3.08 -12.03 -18.85
C GLY A 47 4.04 -11.66 -19.94
N ALA A 48 4.90 -12.63 -20.28
CA ALA A 48 5.92 -12.40 -21.29
C ALA A 48 5.27 -12.12 -22.64
N GLY A 49 5.98 -11.34 -23.47
CA GLY A 49 5.44 -11.01 -24.78
C GLY A 49 5.25 -12.23 -25.66
N GLU A 50 6.20 -13.15 -25.63
CA GLU A 50 6.08 -14.36 -26.43
C GLU A 50 4.88 -15.19 -26.02
N SER A 51 4.38 -15.02 -24.80
CA SER A 51 3.21 -15.75 -24.36
C SER A 51 1.99 -15.33 -25.20
N GLY A 52 0.86 -15.97 -24.91
CA GLY A 52 -0.34 -15.75 -25.69
C GLY A 52 -1.25 -14.67 -25.14
N LYS A 53 -0.73 -13.82 -24.25
CA LYS A 53 -1.59 -12.81 -23.62
C LYS A 53 -2.28 -11.93 -24.65
N ASN A 54 -1.64 -11.71 -25.80
CA ASN A 54 -2.26 -10.88 -26.83
C ASN A 54 -3.54 -11.52 -27.34
N THR A 55 -3.50 -12.83 -27.65
CA THR A 55 -4.71 -13.51 -28.07
C THR A 55 -5.73 -13.56 -26.95
N ILE A 56 -5.27 -13.64 -25.70
CA ILE A 56 -6.20 -13.68 -24.57
C ILE A 56 -7.00 -12.38 -24.50
N VAL A 57 -6.30 -11.25 -24.60
CA VAL A 57 -7.01 -9.97 -24.55
C VAL A 57 -7.88 -9.79 -25.79
N LYS A 58 -7.42 -10.29 -26.94
CA LYS A 58 -8.23 -10.19 -28.14
C LYS A 58 -9.53 -10.97 -27.99
N GLN A 59 -9.47 -12.14 -27.35
CA GLN A 59 -10.68 -12.93 -27.13
C GLN A 59 -11.59 -12.26 -26.11
N MET A 60 -11.01 -11.75 -25.01
CA MET A 60 -11.84 -11.08 -24.01
C MET A 60 -12.53 -9.83 -24.57
N ARG A 61 -11.84 -9.08 -25.43
CA ARG A 61 -12.48 -7.90 -26.02
C ARG A 61 -13.69 -8.27 -26.86
N ILE A 62 -13.60 -9.34 -27.64
CA ILE A 62 -14.72 -9.80 -28.45
C ILE A 62 -15.88 -10.17 -27.53
N THR A 204 0.95 4.29 -29.15
CA THR A 204 2.13 4.83 -28.46
C THR A 204 1.83 5.06 -26.97
N SER A 205 0.60 4.79 -26.57
CA SER A 205 0.23 4.96 -25.17
C SER A 205 1.00 3.99 -24.29
N GLY A 206 1.22 4.41 -23.04
CA GLY A 206 1.95 3.61 -22.09
C GLY A 206 1.13 2.61 -21.30
N ILE A 207 -0.16 2.50 -21.58
CA ILE A 207 -1.01 1.54 -20.88
C ILE A 207 -2.29 1.37 -21.70
N PHE A 208 -2.86 0.17 -21.64
CA PHE A 208 -4.07 -0.16 -22.38
C PHE A 208 -5.14 -0.67 -21.42
N GLU A 209 -6.38 -0.25 -21.65
CA GLU A 209 -7.51 -0.59 -20.80
C GLU A 209 -8.55 -1.36 -21.58
N THR A 210 -9.11 -2.40 -20.96
CA THR A 210 -10.21 -3.15 -21.55
C THR A 210 -11.29 -3.34 -20.48
N LYS A 211 -12.53 -2.99 -20.83
CA LYS A 211 -13.65 -3.07 -19.89
C LYS A 211 -14.62 -4.15 -20.35
N PHE A 212 -15.05 -5.00 -19.42
CA PHE A 212 -16.05 -6.00 -19.76
C PHE A 212 -17.00 -6.20 -18.59
N GLN A 213 -18.13 -6.84 -18.88
CA GLN A 213 -19.19 -7.09 -17.90
C GLN A 213 -19.46 -8.58 -17.81
N VAL A 214 -19.53 -9.10 -16.60
CA VAL A 214 -19.89 -10.49 -16.34
C VAL A 214 -21.01 -10.50 -15.30
N ASP A 215 -22.18 -10.99 -15.70
CA ASP A 215 -23.35 -11.06 -14.81
C ASP A 215 -23.60 -9.71 -14.15
N LYS A 216 -23.54 -8.65 -14.96
CA LYS A 216 -23.77 -7.29 -14.49
C LYS A 216 -22.76 -6.89 -13.41
N VAL A 217 -21.51 -7.31 -13.61
CA VAL A 217 -20.39 -6.90 -12.76
C VAL A 217 -19.30 -6.36 -13.67
N ASN A 218 -18.70 -5.24 -13.28
CA ASN A 218 -17.79 -4.49 -14.14
C ASN A 218 -16.33 -4.80 -13.81
N PHE A 219 -15.61 -5.32 -14.80
CA PHE A 219 -14.19 -5.63 -14.67
C PHE A 219 -13.41 -4.73 -15.62
N HIS A 220 -12.36 -4.11 -15.09
CA HIS A 220 -11.43 -3.29 -15.87
C HIS A 220 -10.07 -3.96 -15.82
N MET A 221 -9.54 -4.32 -16.99
CA MET A 221 -8.26 -5.02 -17.11
C MET A 221 -7.23 -4.09 -17.72
N PHE A 222 -6.09 -3.95 -17.05
CA PHE A 222 -5.01 -3.07 -17.48
C PHE A 222 -3.84 -3.90 -18.00
N ASP A 223 -3.39 -3.58 -19.21
CA ASP A 223 -2.27 -4.24 -19.85
C ASP A 223 -1.18 -3.21 -20.10
N VAL A 224 0.04 -3.51 -19.64
CA VAL A 224 1.14 -2.55 -19.65
C VAL A 224 1.97 -2.78 -20.90
N GLY A 225 1.96 -1.81 -21.81
CA GLY A 225 2.76 -1.85 -23.02
C GLY A 225 3.43 -0.51 -23.27
N ALA A 226 4.42 -0.54 -24.15
CA ALA A 226 5.18 0.66 -24.51
C ALA A 226 6.00 1.19 -23.34
N GLN A 227 6.36 0.31 -22.41
CA GLN A 227 7.20 0.65 -21.28
C GLN A 227 8.51 -0.12 -21.38
N ARG A 228 9.56 0.43 -20.76
CA ARG A 228 10.84 -0.27 -20.76
C ARG A 228 10.74 -1.54 -19.91
N ASP A 229 11.85 -2.28 -19.84
CA ASP A 229 11.83 -3.60 -19.24
C ASP A 229 12.30 -3.61 -17.79
N GLU A 230 12.47 -2.45 -17.16
CA GLU A 230 12.77 -2.38 -15.73
C GLU A 230 11.47 -2.09 -15.00
N ARG A 231 10.94 -3.10 -14.30
CA ARG A 231 9.62 -3.02 -13.69
C ARG A 231 9.65 -2.61 -12.23
N ARG A 232 10.82 -2.34 -11.66
CA ARG A 232 10.88 -2.22 -10.21
C ARG A 232 10.29 -0.92 -9.69
N LYS A 233 9.86 -0.01 -10.56
CA LYS A 233 9.33 1.28 -10.14
C LYS A 233 7.86 1.47 -10.44
N TRP A 234 7.41 1.18 -11.66
CA TRP A 234 6.00 1.39 -11.98
C TRP A 234 5.11 0.26 -11.49
N ILE A 235 5.66 -0.93 -11.24
CA ILE A 235 4.85 -2.02 -10.70
C ILE A 235 4.19 -1.61 -9.40
N GLN A 236 4.87 -0.77 -8.61
CA GLN A 236 4.31 -0.34 -7.34
C GLN A 236 2.99 0.38 -7.49
N CYS A 237 2.71 0.93 -8.68
CA CYS A 237 1.43 1.60 -8.90
C CYS A 237 0.25 0.65 -8.89
N PHE A 238 0.47 -0.66 -8.92
CA PHE A 238 -0.58 -1.66 -9.02
C PHE A 238 -0.73 -2.44 -7.72
N ASN A 239 -0.61 -1.78 -6.58
CA ASN A 239 -0.71 -2.43 -5.29
C ASN A 239 -2.12 -2.37 -4.71
N ASP A 240 -3.12 -2.03 -5.52
CA ASP A 240 -4.50 -2.01 -5.09
C ASP A 240 -5.41 -2.90 -5.93
N VAL A 241 -4.90 -3.46 -7.04
CA VAL A 241 -5.73 -4.25 -7.92
C VAL A 241 -6.25 -5.49 -7.19
N THR A 242 -7.35 -6.04 -7.71
CA THR A 242 -7.94 -7.22 -7.11
C THR A 242 -7.08 -8.45 -7.38
N ALA A 243 -6.62 -8.62 -8.63
CA ALA A 243 -5.86 -9.80 -8.99
C ALA A 243 -4.87 -9.47 -10.10
N ILE A 244 -3.79 -10.25 -10.14
CA ILE A 244 -2.78 -10.18 -11.18
C ILE A 244 -2.92 -11.44 -12.03
N ILE A 245 -3.34 -11.27 -13.28
CA ILE A 245 -3.52 -12.40 -14.20
C ILE A 245 -2.18 -12.63 -14.87
N PHE A 246 -1.44 -13.63 -14.41
CA PHE A 246 -0.10 -13.92 -14.88
C PHE A 246 -0.16 -15.05 -15.90
N VAL A 247 0.15 -14.75 -17.16
CA VAL A 247 0.05 -15.71 -18.24
C VAL A 247 1.45 -16.21 -18.57
N VAL A 248 1.66 -17.52 -18.48
CA VAL A 248 2.95 -18.13 -18.75
C VAL A 248 2.76 -19.27 -19.74
N ALA A 249 3.62 -19.34 -20.75
CA ALA A 249 3.55 -20.37 -21.78
C ALA A 249 4.28 -21.61 -21.27
N SER A 250 3.54 -22.70 -21.08
CA SER A 250 4.13 -23.91 -20.52
C SER A 250 5.16 -24.53 -21.47
N SER A 251 4.83 -24.61 -22.76
CA SER A 251 5.73 -25.21 -23.74
C SER A 251 6.81 -24.21 -24.16
N SER A 252 7.56 -23.74 -23.17
CA SER A 252 8.57 -22.72 -23.36
C SER A 252 9.99 -23.20 -23.09
N TYR A 253 10.17 -24.24 -22.28
CA TYR A 253 11.51 -24.72 -21.98
C TYR A 253 12.23 -25.11 -23.26
N ASN A 254 13.49 -24.70 -23.37
CA ASN A 254 14.29 -24.96 -24.57
C ASN A 254 14.34 -26.44 -24.89
N THR A 263 16.88 -19.04 -25.25
CA THR A 263 17.06 -19.00 -23.80
C THR A 263 16.00 -19.86 -23.11
N ASN A 264 16.19 -20.08 -21.81
CA ASN A 264 15.25 -20.86 -21.00
C ASN A 264 14.18 -19.92 -20.45
N ARG A 265 13.02 -19.90 -21.10
CA ARG A 265 11.99 -18.94 -20.74
C ARG A 265 11.23 -19.32 -19.48
N LEU A 266 11.05 -20.62 -19.22
CA LEU A 266 10.28 -21.03 -18.05
C LEU A 266 10.96 -20.57 -16.77
N GLN A 267 12.28 -20.67 -16.70
CA GLN A 267 12.99 -20.22 -15.52
C GLN A 267 12.85 -18.71 -15.33
N ALA A 268 12.89 -17.95 -16.43
CA ALA A 268 12.67 -16.51 -16.32
C ALA A 268 11.27 -16.21 -15.79
N ALA A 269 10.27 -16.95 -16.27
CA ALA A 269 8.92 -16.76 -15.77
C ALA A 269 8.83 -17.08 -14.28
N LEU A 270 9.49 -18.15 -13.86
CA LEU A 270 9.49 -18.50 -12.44
C LEU A 270 10.14 -17.41 -11.60
N LYS A 271 11.26 -16.85 -12.09
CA LYS A 271 11.93 -15.78 -11.35
C LYS A 271 11.05 -14.54 -11.27
N LEU A 272 10.37 -14.19 -12.36
CA LEU A 272 9.46 -13.05 -12.32
C LEU A 272 8.33 -13.30 -11.33
N PHE A 273 7.77 -14.51 -11.33
CA PHE A 273 6.70 -14.82 -10.39
C PHE A 273 7.18 -14.70 -8.95
N ASP A 274 8.37 -15.22 -8.66
CA ASP A 274 8.90 -15.11 -7.30
C ASP A 274 9.11 -13.65 -6.91
N SER A 275 9.65 -12.84 -7.82
CA SER A 275 9.89 -11.43 -7.52
C SER A 275 8.59 -10.71 -7.22
N ILE A 276 7.55 -10.97 -8.01
CA ILE A 276 6.26 -10.35 -7.74
C ILE A 276 5.69 -10.84 -6.42
N TRP A 277 5.84 -12.13 -6.14
CA TRP A 277 5.23 -12.70 -4.94
C TRP A 277 5.85 -12.12 -3.67
N ASN A 278 7.17 -11.94 -3.66
CA ASN A 278 7.87 -11.51 -2.45
C ASN A 278 8.03 -10.00 -2.33
N ASN A 279 7.42 -9.22 -3.22
CA ASN A 279 7.56 -7.77 -3.15
C ASN A 279 6.92 -7.22 -1.88
N LYS A 280 7.41 -6.06 -1.45
CA LYS A 280 6.95 -5.49 -0.18
C LYS A 280 5.55 -4.91 -0.30
N TRP A 281 5.26 -4.21 -1.40
CA TRP A 281 3.97 -3.55 -1.57
C TRP A 281 2.92 -4.44 -2.19
N LEU A 282 3.30 -5.63 -2.67
CA LEU A 282 2.38 -6.55 -3.33
C LEU A 282 2.19 -7.83 -2.53
N ARG A 283 2.23 -7.74 -1.21
CA ARG A 283 2.05 -8.90 -0.36
C ARG A 283 0.59 -9.17 -0.02
N ASP A 284 -0.34 -8.31 -0.44
CA ASP A 284 -1.76 -8.50 -0.21
C ASP A 284 -2.51 -8.81 -1.50
N THR A 285 -1.83 -8.94 -2.63
CA THR A 285 -2.44 -9.18 -3.92
C THR A 285 -2.35 -10.66 -4.28
N SER A 286 -3.38 -11.16 -4.95
CA SER A 286 -3.44 -12.56 -5.37
C SER A 286 -3.16 -12.68 -6.86
N VAL A 287 -2.72 -13.87 -7.25
CA VAL A 287 -2.28 -14.14 -8.61
C VAL A 287 -3.16 -15.23 -9.22
N ILE A 288 -3.69 -14.97 -10.40
CA ILE A 288 -4.41 -15.97 -11.18
C ILE A 288 -3.47 -16.41 -12.29
N LEU A 289 -3.05 -17.67 -12.24
CA LEU A 289 -1.93 -18.15 -13.05
C LEU A 289 -2.47 -18.97 -14.22
N PHE A 290 -2.26 -18.47 -15.45
CA PHE A 290 -2.75 -19.11 -16.66
C PHE A 290 -1.59 -19.82 -17.35
N LEU A 291 -1.59 -21.16 -17.27
CA LEU A 291 -0.57 -21.98 -17.92
C LEU A 291 -0.99 -22.20 -19.37
N ASN A 292 -0.78 -21.17 -20.18
CA ASN A 292 -1.29 -21.12 -21.54
C ASN A 292 -0.50 -22.06 -22.44
N LYS A 293 -1.04 -22.30 -23.64
CA LYS A 293 -0.34 -23.04 -24.69
C LYS A 293 -0.15 -24.51 -24.33
N GLN A 294 -1.23 -25.16 -23.88
CA GLN A 294 -1.14 -26.55 -23.45
C GLN A 294 -0.96 -27.50 -24.63
N ASP A 295 -1.59 -27.20 -25.75
CA ASP A 295 -1.53 -28.09 -26.91
C ASP A 295 -0.11 -28.24 -27.43
N LEU A 296 0.63 -27.14 -27.49
CA LEU A 296 2.01 -27.20 -27.94
C LEU A 296 2.85 -28.07 -27.00
N LEU A 297 2.65 -27.92 -25.69
CA LEU A 297 3.38 -28.74 -24.73
C LEU A 297 3.05 -30.22 -24.91
N ALA A 298 1.77 -30.53 -25.10
CA ALA A 298 1.36 -31.92 -25.28
C ALA A 298 2.02 -32.52 -26.51
N GLU A 299 1.99 -31.78 -27.63
CA GLU A 299 2.63 -32.27 -28.85
C GLU A 299 4.13 -32.45 -28.65
N LYS A 300 4.76 -31.48 -27.98
CA LYS A 300 6.21 -31.54 -27.80
C LYS A 300 6.62 -32.73 -26.94
N VAL A 301 5.89 -33.00 -25.85
CA VAL A 301 6.29 -34.07 -24.95
C VAL A 301 5.87 -35.44 -25.47
N LEU A 302 4.76 -35.52 -26.20
CA LEU A 302 4.24 -36.82 -26.61
C LEU A 302 5.24 -37.57 -27.48
N ALA A 303 5.91 -36.87 -28.40
CA ALA A 303 6.90 -37.49 -29.26
C ALA A 303 7.90 -36.41 -29.66
N GLY A 304 9.07 -36.43 -29.03
CA GLY A 304 10.09 -35.44 -29.34
C GLY A 304 11.36 -35.73 -28.57
N LYS A 305 12.37 -34.91 -28.85
CA LYS A 305 13.67 -35.03 -28.22
C LYS A 305 13.91 -34.00 -27.12
N SER A 306 12.88 -33.22 -26.78
CA SER A 306 13.00 -32.20 -25.73
C SER A 306 12.66 -32.82 -24.38
N LYS A 307 13.70 -33.04 -23.58
CA LYS A 307 13.52 -33.61 -22.25
C LYS A 307 13.43 -32.51 -21.21
N ILE A 308 12.34 -32.52 -20.44
CA ILE A 308 12.23 -31.59 -19.32
C ILE A 308 13.30 -31.89 -18.28
N GLU A 309 13.77 -33.14 -18.23
CA GLU A 309 14.82 -33.50 -17.27
C GLU A 309 16.12 -32.77 -17.57
N ASP A 310 16.37 -32.45 -18.85
CA ASP A 310 17.61 -31.77 -19.20
C ASP A 310 17.72 -30.42 -18.50
N TYR A 311 16.63 -29.65 -18.48
CA TYR A 311 16.61 -28.34 -17.84
C TYR A 311 16.06 -28.37 -16.43
N PHE A 312 15.31 -29.40 -16.06
CA PHE A 312 14.75 -29.56 -14.72
C PHE A 312 15.04 -30.98 -14.25
N PRO A 313 16.22 -31.22 -13.69
CA PRO A 313 16.57 -32.61 -13.31
C PRO A 313 15.55 -33.26 -12.37
N GLU A 314 14.95 -32.49 -11.47
CA GLU A 314 14.02 -33.08 -10.51
C GLU A 314 12.85 -33.77 -11.20
N PHE A 315 12.56 -33.41 -12.45
CA PHE A 315 11.46 -34.05 -13.17
C PHE A 315 11.68 -35.55 -13.27
N ALA A 316 12.93 -36.00 -13.24
CA ALA A 316 13.20 -37.43 -13.34
C ALA A 316 12.70 -38.21 -12.12
N ARG A 317 12.48 -37.53 -10.99
CA ARG A 317 12.11 -38.19 -9.75
C ARG A 317 10.72 -37.80 -9.27
N TYR A 318 9.84 -37.38 -10.18
CA TYR A 318 8.55 -36.83 -9.82
C TYR A 318 7.43 -37.67 -10.42
N THR A 319 6.42 -37.96 -9.59
CA THR A 319 5.28 -38.76 -10.00
C THR A 319 4.00 -37.97 -9.75
N THR A 320 3.00 -38.23 -10.58
CA THR A 320 1.78 -37.43 -10.54
C THR A 320 1.16 -37.49 -9.15
N PRO A 321 0.57 -36.40 -8.65
CA PRO A 321 -0.12 -36.46 -7.36
C PRO A 321 -1.34 -37.37 -7.44
N GLU A 322 -1.67 -37.97 -6.29
CA GLU A 322 -2.80 -38.89 -6.24
C GLU A 322 -4.10 -38.21 -6.60
N ASP A 323 -4.30 -36.98 -6.11
CA ASP A 323 -5.53 -36.23 -6.38
C ASP A 323 -5.34 -35.38 -7.64
N ALA A 324 -5.22 -36.08 -8.77
CA ALA A 324 -5.07 -35.47 -10.08
C ALA A 324 -6.29 -35.79 -10.92
N THR A 325 -6.84 -34.77 -11.58
CA THR A 325 -8.02 -34.93 -12.41
C THR A 325 -7.68 -34.72 -13.87
N PRO A 326 -6.97 -35.65 -14.50
CA PRO A 326 -6.57 -35.46 -15.90
C PRO A 326 -7.77 -35.43 -16.84
N GLU A 327 -7.65 -34.63 -17.89
CA GLU A 327 -8.71 -34.57 -18.89
C GLU A 327 -8.81 -35.91 -19.62
N PRO A 328 -10.00 -36.44 -19.85
CA PRO A 328 -10.11 -37.75 -20.51
C PRO A 328 -9.54 -37.72 -21.92
N GLY A 329 -8.48 -38.49 -22.13
CA GLY A 329 -7.87 -38.60 -23.44
C GLY A 329 -6.38 -38.33 -23.46
N GLU A 330 -5.83 -37.90 -22.33
CA GLU A 330 -4.42 -37.54 -22.26
C GLU A 330 -3.55 -38.75 -21.90
N ASP A 331 -2.40 -38.85 -22.56
CA ASP A 331 -1.42 -39.85 -22.19
C ASP A 331 -0.82 -39.52 -20.82
N PRO A 332 -0.45 -40.54 -20.04
CA PRO A 332 0.09 -40.24 -18.69
C PRO A 332 1.26 -39.29 -18.69
N ARG A 333 2.13 -39.34 -19.70
CA ARG A 333 3.29 -38.46 -19.72
C ARG A 333 2.88 -36.99 -19.82
N VAL A 334 1.84 -36.70 -20.62
CA VAL A 334 1.39 -35.31 -20.77
C VAL A 334 0.88 -34.78 -19.43
N THR A 335 0.08 -35.57 -18.72
CA THR A 335 -0.40 -35.17 -17.41
C THR A 335 0.75 -34.99 -16.44
N ARG A 336 1.74 -35.90 -16.49
CA ARG A 336 2.88 -35.80 -15.60
C ARG A 336 3.63 -34.48 -15.83
N ALA A 337 3.85 -34.12 -17.09
CA ALA A 337 4.55 -32.86 -17.37
C ALA A 337 3.74 -31.66 -16.92
N LYS A 338 2.44 -31.65 -17.24
CA LYS A 338 1.59 -30.53 -16.83
C LYS A 338 1.65 -30.33 -15.33
N TYR A 339 1.47 -31.41 -14.57
CA TYR A 339 1.41 -31.28 -13.12
C TYR A 339 2.78 -30.99 -12.54
N PHE A 340 3.85 -31.43 -13.20
CA PHE A 340 5.18 -31.01 -12.78
C PHE A 340 5.33 -29.50 -12.86
N ILE A 341 4.91 -28.91 -13.99
CA ILE A 341 5.02 -27.45 -14.13
C ILE A 341 4.14 -26.75 -13.09
N ARG A 342 2.92 -27.24 -12.90
CA ARG A 342 2.02 -26.60 -11.95
C ARG A 342 2.60 -26.65 -10.53
N ASP A 343 3.17 -27.78 -10.17
CA ASP A 343 3.70 -27.90 -8.83
C ASP A 343 4.94 -27.03 -8.72
N GLU A 344 5.74 -26.91 -9.77
CA GLU A 344 6.88 -26.01 -9.77
C GLU A 344 6.44 -24.59 -9.46
N PHE A 345 5.33 -24.16 -10.04
CA PHE A 345 4.83 -22.82 -9.74
C PHE A 345 4.23 -22.73 -8.34
N LEU A 346 3.68 -23.82 -7.82
CA LEU A 346 3.06 -23.78 -6.50
C LEU A 346 4.09 -23.79 -5.38
N ARG A 347 5.28 -24.34 -5.63
CA ARG A 347 6.30 -24.36 -4.59
C ARG A 347 6.59 -22.96 -4.07
N ILE A 348 6.66 -21.98 -4.98
CA ILE A 348 6.90 -20.61 -4.57
C ILE A 348 5.70 -20.05 -3.82
N SER A 349 4.48 -20.34 -4.30
CA SER A 349 3.29 -19.73 -3.74
C SER A 349 3.03 -20.19 -2.31
N THR A 350 3.28 -21.46 -2.02
CA THR A 350 2.95 -21.99 -0.70
C THR A 350 4.05 -21.77 0.33
N ALA A 351 5.18 -21.18 -0.06
CA ALA A 351 6.31 -21.06 0.86
C ALA A 351 6.09 -19.93 1.87
N SER A 352 5.49 -18.83 1.45
CA SER A 352 5.42 -17.64 2.30
C SER A 352 4.75 -17.95 3.63
N GLY A 353 3.57 -18.54 3.59
CA GLY A 353 2.88 -18.95 4.81
C GLY A 353 2.12 -17.85 5.53
N ASP A 354 2.12 -16.62 5.01
CA ASP A 354 1.39 -15.55 5.67
C ASP A 354 -0.12 -15.83 5.69
N GLY A 355 -0.66 -16.32 4.58
CA GLY A 355 -2.08 -16.54 4.44
C GLY A 355 -2.87 -15.34 3.98
N ARG A 356 -2.22 -14.21 3.69
CA ARG A 356 -2.93 -13.03 3.23
C ARG A 356 -3.36 -13.14 1.77
N HIS A 357 -2.62 -13.89 0.95
CA HIS A 357 -2.95 -14.05 -0.45
C HIS A 357 -2.61 -15.47 -0.88
N TYR A 358 -3.29 -15.93 -1.94
CA TYR A 358 -3.15 -17.28 -2.45
C TYR A 358 -2.99 -17.24 -3.96
N CYS A 359 -2.84 -18.42 -4.55
CA CYS A 359 -2.67 -18.57 -6.00
C CYS A 359 -3.72 -19.52 -6.55
N TYR A 360 -4.14 -19.28 -7.79
CA TYR A 360 -5.24 -20.00 -8.42
C TYR A 360 -4.79 -20.52 -9.78
N PRO A 361 -4.10 -21.67 -9.80
CA PRO A 361 -3.61 -22.23 -11.07
C PRO A 361 -4.72 -22.70 -12.01
N HIS A 362 -4.50 -22.58 -13.32
CA HIS A 362 -5.48 -22.99 -14.32
C HIS A 362 -4.79 -23.51 -15.58
N PHE A 363 -5.32 -24.57 -16.19
CA PHE A 363 -4.81 -25.08 -17.45
C PHE A 363 -5.65 -24.53 -18.59
N THR A 364 -5.06 -23.67 -19.41
CA THR A 364 -5.81 -22.91 -20.40
C THR A 364 -5.11 -22.99 -21.75
N CYS A 365 -5.89 -22.84 -22.81
CA CYS A 365 -5.40 -22.68 -24.16
C CYS A 365 -5.71 -21.27 -24.63
N ALA A 366 -5.03 -20.85 -25.70
CA ALA A 366 -5.20 -19.49 -26.20
C ALA A 366 -6.59 -19.24 -26.75
N VAL A 367 -7.34 -20.30 -27.08
CA VAL A 367 -8.66 -20.15 -27.69
C VAL A 367 -9.78 -20.55 -26.74
N ASP A 368 -9.47 -20.92 -25.51
CA ASP A 368 -10.51 -21.31 -24.56
C ASP A 368 -11.50 -20.18 -24.37
N THR A 369 -12.79 -20.51 -24.44
CA THR A 369 -13.85 -19.53 -24.24
C THR A 369 -14.31 -19.42 -22.79
N GLU A 370 -13.82 -20.30 -21.91
CA GLU A 370 -14.21 -20.26 -20.50
C GLU A 370 -13.34 -19.32 -19.69
N ASN A 371 -12.25 -18.81 -20.25
CA ASN A 371 -11.30 -18.02 -19.46
C ASN A 371 -12.00 -16.92 -18.69
N ILE A 372 -12.83 -16.12 -19.38
CA ILE A 372 -13.57 -15.06 -18.70
C ILE A 372 -14.23 -15.61 -17.44
N ARG A 373 -15.06 -16.64 -17.61
CA ARG A 373 -15.75 -17.22 -16.47
C ARG A 373 -14.78 -17.54 -15.34
N ARG A 374 -13.67 -18.20 -15.67
CA ARG A 374 -12.71 -18.57 -14.64
C ARG A 374 -12.35 -17.35 -13.81
N VAL A 375 -11.92 -16.28 -14.48
CA VAL A 375 -11.55 -15.07 -13.74
C VAL A 375 -12.65 -14.69 -12.77
N PHE A 376 -13.87 -14.55 -13.30
CA PHE A 376 -15.01 -14.24 -12.46
C PHE A 376 -15.00 -15.10 -11.21
N ASN A 377 -15.07 -16.43 -11.39
CA ASN A 377 -15.15 -17.31 -10.24
C ASN A 377 -14.00 -17.04 -9.29
N ASP A 378 -12.78 -16.98 -9.82
CA ASP A 378 -11.63 -16.77 -8.96
C ASP A 378 -11.81 -15.53 -8.11
N CYS A 379 -12.20 -14.43 -8.75
CA CYS A 379 -12.42 -13.19 -8.02
C CYS A 379 -13.31 -13.40 -6.81
N ARG A 380 -14.44 -14.07 -6.99
CA ARG A 380 -15.34 -14.31 -5.87
C ARG A 380 -14.60 -14.97 -4.73
N ASP A 381 -13.90 -16.07 -5.01
CA ASP A 381 -13.21 -16.79 -3.96
C ASP A 381 -12.33 -15.82 -3.17
N ILE A 382 -11.52 -15.03 -3.87
CA ILE A 382 -10.63 -14.09 -3.20
C ILE A 382 -11.42 -13.32 -2.15
N ILE A 383 -12.43 -12.58 -2.59
CA ILE A 383 -13.21 -11.80 -1.65
C ILE A 383 -13.67 -12.66 -0.50
N GLN A 384 -14.37 -13.74 -0.81
CA GLN A 384 -14.91 -14.56 0.27
C GLN A 384 -13.84 -14.83 1.30
N ARG A 385 -12.66 -15.28 0.84
CA ARG A 385 -11.66 -15.69 1.79
C ARG A 385 -11.27 -14.54 2.71
N MET A 386 -11.09 -13.35 2.15
CA MET A 386 -10.69 -12.23 3.00
C MET A 386 -11.74 -11.99 4.08
N HIS A 387 -13.02 -12.03 3.71
CA HIS A 387 -14.06 -11.87 4.72
C HIS A 387 -13.97 -12.97 5.76
N LEU A 388 -13.82 -14.22 5.32
CA LEU A 388 -13.72 -15.31 6.27
C LEU A 388 -12.48 -15.18 7.14
N ARG A 389 -11.48 -14.42 6.71
CA ARG A 389 -10.33 -14.17 7.57
C ARG A 389 -10.63 -13.13 8.63
N GLN A 390 -11.46 -12.13 8.30
CA GLN A 390 -11.75 -11.06 9.26
C GLN A 390 -12.58 -11.59 10.43
N TYR A 391 -13.55 -12.46 10.12
CA TYR A 391 -14.46 -12.95 11.14
C TYR A 391 -13.92 -14.16 11.88
N GLU A 392 -12.62 -14.43 11.73
CA GLU A 392 -11.98 -15.53 12.45
C GLU A 392 -12.51 -16.91 12.05
N LEU A 393 -13.12 -17.01 10.87
CA LEU A 393 -13.59 -18.30 10.40
C LEU A 393 -12.54 -19.04 9.59
N LEU A 394 -11.47 -18.36 9.19
CA LEU A 394 -10.48 -18.98 8.33
C LEU A 394 -9.12 -18.36 8.59
N GLU B 25 39.40 -0.68 -29.50
CA GLU B 25 38.96 0.68 -29.21
C GLU B 25 38.15 0.72 -27.92
N LEU B 26 37.28 -0.26 -27.74
CA LEU B 26 36.42 -0.28 -26.55
C LEU B 26 37.25 -0.36 -25.28
N ASP B 27 38.26 -1.23 -25.25
CA ASP B 27 39.12 -1.34 -24.06
C ASP B 27 39.89 -0.04 -23.84
N GLN B 28 40.43 0.54 -24.90
CA GLN B 28 41.18 1.79 -24.77
C GLN B 28 40.28 2.91 -24.26
N LEU B 29 39.07 3.03 -24.82
CA LEU B 29 38.15 4.06 -24.37
C LEU B 29 37.76 3.86 -22.91
N ARG B 30 37.49 2.61 -22.52
CA ARG B 30 37.13 2.35 -21.14
C ARG B 30 38.27 2.69 -20.19
N GLN B 31 39.50 2.35 -20.55
CA GLN B 31 40.64 2.67 -19.71
C GLN B 31 40.84 4.19 -19.61
N GLU B 32 40.67 4.89 -20.73
CA GLU B 32 40.80 6.35 -20.69
C GLU B 32 39.71 6.97 -19.80
N ALA B 33 38.49 6.44 -19.89
CA ALA B 33 37.42 6.93 -19.02
C ALA B 33 37.74 6.68 -17.57
N GLU B 34 38.29 5.50 -17.25
CA GLU B 34 38.67 5.22 -15.87
C GLU B 34 39.75 6.17 -15.39
N GLN B 35 40.74 6.45 -16.24
CA GLN B 35 41.79 7.40 -15.87
C GLN B 35 41.21 8.79 -15.64
N LEU B 36 40.29 9.22 -16.50
CA LEU B 36 39.67 10.54 -16.31
C LEU B 36 38.86 10.58 -15.02
N LYS B 37 38.15 9.51 -14.70
CA LYS B 37 37.41 9.46 -13.44
C LYS B 37 38.35 9.53 -12.25
N ASN B 38 39.50 8.85 -12.34
CA ASN B 38 40.48 8.95 -11.26
C ASN B 38 40.99 10.38 -11.12
N GLN B 39 41.24 11.05 -12.25
CA GLN B 39 41.66 12.44 -12.20
C GLN B 39 40.60 13.32 -11.54
N ILE B 40 39.33 13.08 -11.88
CA ILE B 40 38.23 13.84 -11.28
C ILE B 40 38.22 13.62 -9.78
N ARG B 41 38.35 12.37 -9.35
CA ARG B 41 38.33 12.07 -7.91
C ARG B 41 39.49 12.73 -7.19
N ASP B 42 40.68 12.70 -7.79
CA ASP B 42 41.83 13.36 -7.17
C ASP B 42 41.61 14.87 -7.07
N ALA B 43 41.08 15.48 -8.13
CA ALA B 43 40.82 16.91 -8.09
C ALA B 43 39.81 17.25 -7.00
N ARG B 44 38.75 16.46 -6.87
CA ARG B 44 37.77 16.71 -5.83
C ARG B 44 38.40 16.57 -4.45
N LYS B 45 39.21 15.52 -4.26
CA LYS B 45 39.85 15.32 -2.96
C LYS B 45 40.80 16.44 -2.61
N ALA B 46 41.39 17.09 -3.63
CA ALA B 46 42.32 18.18 -3.35
C ALA B 46 41.66 19.30 -2.58
N CYS B 47 40.36 19.53 -2.80
CA CYS B 47 39.65 20.65 -2.18
C CYS B 47 39.06 20.32 -0.82
N ALA B 48 39.03 19.05 -0.46
CA ALA B 48 38.45 18.64 0.82
C ALA B 48 39.36 19.04 1.97
N ASP B 49 39.48 20.34 2.21
CA ASP B 49 40.37 20.83 3.26
C ASP B 49 39.81 20.60 4.66
N ALA B 50 38.49 20.69 4.78
CA ALA B 50 37.84 20.52 6.07
C ALA B 50 36.41 20.03 5.90
N THR B 51 35.87 19.42 6.95
CA THR B 51 34.51 18.89 6.88
C THR B 51 33.51 19.88 7.45
N LEU B 52 32.30 19.88 6.88
CA LEU B 52 31.28 20.85 7.28
C LEU B 52 30.93 20.71 8.75
N SER B 53 30.85 19.47 9.25
CA SER B 53 30.49 19.26 10.64
C SER B 53 31.50 19.91 11.59
N GLN B 54 32.78 19.79 11.27
CA GLN B 54 33.81 20.39 12.12
C GLN B 54 33.66 21.89 12.19
N ILE B 55 33.37 22.53 11.06
CA ILE B 55 33.21 23.99 11.05
C ILE B 55 31.94 24.40 11.79
N THR B 56 30.86 23.64 11.63
CA THR B 56 29.57 23.99 12.19
C THR B 56 29.36 23.45 13.60
N ASN B 57 30.37 22.82 14.19
CA ASN B 57 30.20 22.26 15.53
C ASN B 57 29.99 23.32 16.60
N ASN B 58 30.26 24.59 16.29
CA ASN B 58 30.18 25.65 17.30
C ASN B 58 28.82 26.34 17.34
N ILE B 59 28.10 26.38 16.21
CA ILE B 59 26.81 27.07 16.20
C ILE B 59 25.86 26.42 17.21
N ASP B 60 24.90 27.19 17.67
CA ASP B 60 23.98 26.71 18.70
C ASP B 60 22.95 25.76 18.10
N PRO B 61 22.68 24.61 18.73
CA PRO B 61 21.67 23.69 18.18
C PRO B 61 20.28 24.29 18.24
N VAL B 62 19.42 23.84 17.32
CA VAL B 62 18.04 24.30 17.30
C VAL B 62 17.29 23.81 18.54
N GLY B 63 17.61 22.60 19.00
CA GLY B 63 16.93 22.04 20.16
C GLY B 63 15.85 21.07 19.74
N ARG B 64 14.64 21.25 20.29
CA ARG B 64 13.50 20.41 19.98
C ARG B 64 12.35 21.29 19.51
N ILE B 65 11.76 20.92 18.38
CA ILE B 65 10.62 21.64 17.81
C ILE B 65 9.51 20.64 17.57
N GLN B 66 8.35 20.87 18.19
CA GLN B 66 7.20 20.00 18.06
C GLN B 66 6.14 20.71 17.22
N MET B 67 6.03 20.32 15.96
CA MET B 67 4.98 20.84 15.10
C MET B 67 3.69 20.09 15.34
N ARG B 68 2.57 20.78 15.17
CA ARG B 68 1.25 20.20 15.38
C ARG B 68 0.41 20.41 14.13
N THR B 69 -0.50 19.47 13.90
CA THR B 69 -1.37 19.53 12.74
C THR B 69 -2.49 20.51 12.98
N ARG B 70 -2.57 21.55 12.15
CA ARG B 70 -3.61 22.56 12.26
C ARG B 70 -4.80 22.29 11.35
N ARG B 71 -4.72 21.30 10.47
CA ARG B 71 -5.80 20.99 9.55
C ARG B 71 -5.76 19.52 9.20
N THR B 72 -6.81 19.08 8.50
CA THR B 72 -6.86 17.73 7.94
C THR B 72 -7.88 17.75 6.82
N LEU B 73 -7.43 17.54 5.59
CA LEU B 73 -8.26 17.66 4.40
C LEU B 73 -8.67 16.28 3.93
N ARG B 74 -9.98 16.04 3.83
CA ARG B 74 -10.52 14.76 3.45
C ARG B 74 -11.38 14.92 2.20
N GLY B 75 -11.52 13.82 1.45
CA GLY B 75 -12.28 13.85 0.22
C GLY B 75 -11.72 12.95 -0.86
N HIS B 76 -10.49 12.50 -0.72
CA HIS B 76 -9.91 11.56 -1.67
C HIS B 76 -10.40 10.15 -1.37
N LEU B 77 -10.75 9.43 -2.45
CA LEU B 77 -11.25 8.08 -2.33
C LEU B 77 -10.13 7.06 -2.11
N ALA B 78 -8.99 7.28 -2.74
CA ALA B 78 -7.84 6.39 -2.66
C ALA B 78 -6.61 7.17 -2.23
N LYS B 79 -5.47 6.48 -2.24
CA LYS B 79 -4.22 7.08 -1.77
C LYS B 79 -3.85 8.29 -2.62
N ILE B 80 -2.84 9.01 -2.15
CA ILE B 80 -2.46 10.31 -2.69
C ILE B 80 -1.02 10.23 -3.16
N TYR B 81 -0.74 10.73 -4.37
CA TYR B 81 0.55 10.54 -5.00
C TYR B 81 1.38 11.81 -5.17
N ALA B 82 0.77 12.99 -5.12
CA ALA B 82 1.52 14.22 -5.35
C ALA B 82 0.77 15.40 -4.79
N MET B 83 1.47 16.53 -4.68
CA MET B 83 0.87 17.79 -4.28
C MET B 83 1.89 18.90 -4.46
N HIS B 84 1.41 20.10 -4.76
CA HIS B 84 2.27 21.26 -4.95
C HIS B 84 1.61 22.49 -4.35
N TRP B 85 2.32 23.16 -3.45
CA TRP B 85 1.80 24.36 -2.83
C TRP B 85 1.63 25.48 -3.84
N GLY B 86 0.72 26.39 -3.55
CA GLY B 86 0.55 27.56 -4.39
C GLY B 86 1.62 28.61 -4.14
N THR B 87 1.68 29.58 -5.06
CA THR B 87 2.67 30.64 -4.93
C THR B 87 2.30 31.61 -3.81
N ASP B 88 1.01 31.73 -3.49
CA ASP B 88 0.55 32.63 -2.44
C ASP B 88 0.40 31.94 -1.10
N SER B 89 0.70 30.64 -1.01
CA SER B 89 0.66 29.91 0.24
C SER B 89 -0.76 29.77 0.79
N ARG B 90 -1.78 29.79 -0.08
CA ARG B 90 -3.20 29.68 0.36
C ARG B 90 -3.99 28.58 -0.36
N LEU B 91 -3.73 28.29 -1.62
CA LEU B 91 -4.30 27.15 -2.31
C LEU B 91 -3.24 26.09 -2.52
N LEU B 92 -3.70 24.84 -2.65
CA LEU B 92 -2.80 23.73 -2.97
C LEU B 92 -3.54 22.74 -3.86
N VAL B 93 -2.79 21.86 -4.50
CA VAL B 93 -3.33 20.91 -5.46
C VAL B 93 -2.84 19.52 -5.08
N SER B 94 -3.70 18.52 -5.25
CA SER B 94 -3.35 17.14 -4.93
C SER B 94 -3.88 16.20 -6.01
N ALA B 95 -3.18 15.08 -6.20
CA ALA B 95 -3.53 14.09 -7.22
C ALA B 95 -3.62 12.72 -6.56
N SER B 96 -4.61 11.94 -6.98
CA SER B 96 -4.82 10.62 -6.42
C SER B 96 -5.07 9.59 -7.52
N GLN B 97 -5.10 8.32 -7.16
CA GLN B 97 -5.25 7.22 -8.12
C GLN B 97 -6.70 6.86 -8.36
N ASP B 98 -7.64 7.57 -7.74
CA ASP B 98 -9.04 7.46 -8.09
C ASP B 98 -9.40 8.36 -9.26
N GLY B 99 -8.40 8.80 -10.03
CA GLY B 99 -8.63 9.67 -11.16
C GLY B 99 -9.12 11.04 -10.79
N LYS B 100 -8.55 11.64 -9.73
CA LYS B 100 -9.04 12.90 -9.21
C LYS B 100 -7.89 13.83 -8.86
N LEU B 101 -8.00 15.08 -9.31
CA LEU B 101 -7.08 16.15 -9.01
C LEU B 101 -7.88 17.25 -8.32
N ILE B 102 -7.61 17.48 -7.04
CA ILE B 102 -8.44 18.35 -6.22
C ILE B 102 -7.63 19.55 -5.76
N ILE B 103 -8.25 20.72 -5.78
CA ILE B 103 -7.63 21.97 -5.37
C ILE B 103 -8.26 22.40 -4.05
N TRP B 104 -7.46 22.50 -3.01
CA TRP B 104 -7.93 22.87 -1.67
C TRP B 104 -7.57 24.30 -1.37
N ASP B 105 -8.46 24.97 -0.64
CA ASP B 105 -8.18 26.24 0.01
C ASP B 105 -7.73 25.94 1.44
N SER B 106 -6.41 25.90 1.65
CA SER B 106 -5.88 25.46 2.94
C SER B 106 -6.41 26.16 4.18
N TYR B 107 -6.62 27.46 4.10
CA TYR B 107 -7.00 28.20 5.31
C TYR B 107 -8.33 27.70 5.86
N THR B 108 -9.32 27.47 5.00
CA THR B 108 -10.65 27.08 5.44
C THR B 108 -10.98 25.61 5.18
N THR B 109 -10.23 24.93 4.32
CA THR B 109 -10.41 23.53 3.96
C THR B 109 -11.58 23.30 3.00
N ASN B 110 -12.05 24.34 2.33
CA ASN B 110 -13.12 24.17 1.35
C ASN B 110 -12.53 23.89 -0.02
N LYS B 111 -13.09 22.89 -0.70
CA LYS B 111 -12.63 22.50 -2.02
C LYS B 111 -13.05 23.55 -3.04
N VAL B 112 -12.18 23.83 -4.00
CA VAL B 112 -12.44 24.82 -5.03
C VAL B 112 -12.67 24.16 -6.39
N HIS B 113 -11.96 23.06 -6.66
CA HIS B 113 -12.09 22.36 -7.93
C HIS B 113 -11.78 20.88 -7.72
N ALA B 114 -12.43 20.04 -8.52
CA ALA B 114 -12.16 18.60 -8.53
C ALA B 114 -12.16 18.17 -10.00
N ILE B 115 -10.99 18.23 -10.62
CA ILE B 115 -10.86 17.84 -12.03
C ILE B 115 -10.79 16.31 -12.11
N PRO B 116 -11.57 15.67 -12.99
CA PRO B 116 -11.38 14.24 -13.23
C PRO B 116 -10.40 13.98 -14.35
N LEU B 117 -9.51 13.01 -14.11
CA LEU B 117 -8.45 12.69 -15.06
C LEU B 117 -8.89 11.60 -16.01
N ARG B 118 -8.43 11.70 -17.26
CA ARG B 118 -8.71 10.67 -18.25
C ARG B 118 -8.08 9.33 -17.85
N SER B 119 -6.84 9.36 -17.36
CA SER B 119 -6.13 8.16 -16.96
C SER B 119 -5.95 8.17 -15.44
N SER B 120 -6.27 7.04 -14.81
CA SER B 120 -6.25 6.96 -13.35
C SER B 120 -4.87 6.76 -12.77
N TRP B 121 -3.85 6.53 -13.61
CA TRP B 121 -2.50 6.27 -13.12
C TRP B 121 -1.67 7.56 -13.17
N VAL B 122 -2.03 8.48 -12.29
CA VAL B 122 -1.39 9.79 -12.23
C VAL B 122 -0.33 9.76 -11.14
N MET B 123 0.87 10.24 -11.47
CA MET B 123 2.03 10.10 -10.60
C MET B 123 2.66 11.43 -10.20
N THR B 124 2.16 12.55 -10.70
CA THR B 124 2.75 13.84 -10.37
C THR B 124 1.75 14.95 -10.65
N CYS B 125 2.02 16.12 -10.07
CA CYS B 125 1.20 17.30 -10.28
C CYS B 125 2.05 18.54 -10.06
N ALA B 126 1.57 19.67 -10.58
CA ALA B 126 2.28 20.93 -10.46
C ALA B 126 1.29 22.08 -10.52
N TYR B 127 1.73 23.23 -10.02
CA TYR B 127 0.90 24.43 -9.94
C TYR B 127 1.70 25.61 -10.47
N ALA B 128 1.21 26.24 -11.52
CA ALA B 128 1.96 27.29 -12.18
C ALA B 128 2.11 28.50 -11.25
N PRO B 129 3.21 29.25 -11.39
CA PRO B 129 3.39 30.43 -10.53
C PRO B 129 2.33 31.50 -10.75
N SER B 130 1.69 31.52 -11.91
CA SER B 130 0.64 32.50 -12.18
C SER B 130 -0.73 32.03 -11.71
N GLY B 131 -0.86 30.78 -11.26
CA GLY B 131 -2.13 30.30 -10.76
C GLY B 131 -3.20 30.11 -11.80
N ASN B 132 -2.83 29.95 -13.06
CA ASN B 132 -3.80 29.82 -14.14
C ASN B 132 -3.83 28.44 -14.79
N TYR B 133 -2.86 27.57 -14.48
CA TYR B 133 -2.80 26.26 -15.11
C TYR B 133 -2.34 25.22 -14.09
N VAL B 134 -2.68 23.97 -14.37
CA VAL B 134 -2.27 22.84 -13.54
C VAL B 134 -1.83 21.70 -14.46
N ALA B 135 -0.73 21.04 -14.11
CA ALA B 135 -0.18 19.98 -14.95
C ALA B 135 -0.26 18.63 -14.23
N CYS B 136 -0.46 17.57 -15.01
CA CYS B 136 -0.50 16.23 -14.42
C CYS B 136 -0.16 15.19 -15.48
N GLY B 137 0.47 14.10 -15.03
CA GLY B 137 0.84 13.04 -15.94
C GLY B 137 1.13 11.76 -15.20
N GLY B 138 1.39 10.69 -15.96
CA GLY B 138 1.68 9.40 -15.35
C GLY B 138 1.98 8.29 -16.35
N LEU B 139 1.51 7.08 -16.04
CA LEU B 139 1.87 5.92 -16.84
C LEU B 139 1.42 6.04 -18.29
N ASP B 140 0.46 6.92 -18.59
CA ASP B 140 -0.03 7.04 -19.96
C ASP B 140 0.94 7.78 -20.87
N ASN B 141 2.12 8.16 -20.38
CA ASN B 141 3.19 8.77 -21.17
C ASN B 141 2.85 10.17 -21.65
N ILE B 142 1.83 10.81 -21.09
CA ILE B 142 1.36 12.09 -21.57
C ILE B 142 1.32 13.07 -20.41
N CYS B 143 1.58 14.35 -20.70
CA CYS B 143 1.47 15.42 -19.73
C CYS B 143 0.32 16.33 -20.15
N SER B 144 -0.67 16.49 -19.28
CA SER B 144 -1.85 17.29 -19.58
C SER B 144 -1.79 18.59 -18.79
N ILE B 145 -2.07 19.69 -19.49
CA ILE B 145 -2.13 21.03 -18.92
C ILE B 145 -3.59 21.45 -18.92
N TYR B 146 -4.13 21.69 -17.73
CA TYR B 146 -5.52 22.07 -17.49
C TYR B 146 -5.61 23.55 -17.19
N ASN B 147 -6.64 24.20 -17.70
CA ASN B 147 -6.88 25.62 -17.50
C ASN B 147 -7.87 25.79 -16.35
N LEU B 148 -7.51 26.65 -15.40
CA LEU B 148 -8.34 26.89 -14.23
C LEU B 148 -9.17 28.17 -14.32
N LYS B 149 -9.03 28.94 -15.40
CA LYS B 149 -9.64 30.27 -15.47
C LYS B 149 -10.33 30.48 -16.82
N THR B 150 -11.02 29.46 -17.31
CA THR B 150 -11.79 29.63 -18.53
C THR B 150 -12.97 30.55 -18.27
N ARG B 151 -13.34 31.34 -19.29
CA ARG B 151 -14.48 32.23 -19.15
C ARG B 151 -15.77 31.44 -18.90
N GLU B 152 -15.92 30.30 -19.58
CA GLU B 152 -17.12 29.50 -19.40
C GLU B 152 -17.26 29.01 -17.96
N GLY B 153 -16.15 28.91 -17.24
CA GLY B 153 -16.16 28.52 -15.85
C GLY B 153 -15.83 27.06 -15.58
N ASN B 154 -15.66 26.25 -16.63
CA ASN B 154 -15.34 24.84 -16.48
C ASN B 154 -13.88 24.61 -16.79
N VAL B 155 -13.25 23.71 -16.02
CA VAL B 155 -11.87 23.32 -16.29
C VAL B 155 -11.83 22.45 -17.53
N ARG B 156 -10.99 22.83 -18.50
CA ARG B 156 -10.89 22.13 -19.76
C ARG B 156 -9.42 21.82 -20.04
N VAL B 157 -9.20 20.72 -20.76
CA VAL B 157 -7.83 20.32 -21.08
C VAL B 157 -7.24 21.34 -22.05
N SER B 158 -6.31 22.15 -21.54
CA SER B 158 -5.69 23.17 -22.37
C SER B 158 -4.74 22.54 -23.39
N ARG B 159 -3.89 21.63 -22.96
CA ARG B 159 -2.91 21.04 -23.86
C ARG B 159 -2.55 19.63 -23.44
N GLU B 160 -2.06 18.84 -24.40
CA GLU B 160 -1.56 17.50 -24.16
C GLU B 160 -0.21 17.36 -24.84
N LEU B 161 0.80 16.97 -24.07
CA LEU B 161 2.16 16.77 -24.56
C LEU B 161 2.44 15.27 -24.57
N ALA B 162 2.72 14.73 -25.75
CA ALA B 162 2.72 13.29 -25.97
C ALA B 162 3.95 12.85 -26.77
N GLY B 163 5.13 13.32 -26.35
CA GLY B 163 6.35 12.98 -27.06
C GLY B 163 7.28 12.03 -26.32
N HIS B 164 6.93 11.67 -25.08
CA HIS B 164 7.78 10.80 -24.29
C HIS B 164 7.51 9.33 -24.61
N THR B 165 8.36 8.46 -24.08
CA THR B 165 8.20 7.02 -24.29
C THR B 165 8.25 6.26 -22.97
N GLY B 166 8.08 6.98 -21.86
CA GLY B 166 8.05 6.34 -20.55
C GLY B 166 7.20 7.15 -19.60
N TYR B 167 6.88 6.53 -18.47
CA TYR B 167 6.01 7.17 -17.50
C TYR B 167 6.60 8.51 -17.04
N LEU B 168 5.75 9.51 -16.93
CA LEU B 168 6.16 10.82 -16.42
C LEU B 168 6.29 10.74 -14.90
N SER B 169 7.45 11.12 -14.37
CA SER B 169 7.72 11.04 -12.95
C SER B 169 7.74 12.38 -12.24
N CYS B 170 8.03 13.47 -12.94
CA CYS B 170 8.02 14.79 -12.32
C CYS B 170 7.92 15.84 -13.42
N CYS B 171 7.32 16.97 -13.07
CA CYS B 171 7.17 18.08 -14.00
C CYS B 171 7.00 19.36 -13.22
N ARG B 172 7.54 20.46 -13.77
CA ARG B 172 7.47 21.75 -13.12
C ARG B 172 7.30 22.84 -14.18
N PHE B 173 6.69 23.95 -13.76
CA PHE B 173 6.47 25.09 -14.63
C PHE B 173 7.63 26.08 -14.54
N LEU B 174 8.11 26.55 -15.68
CA LEU B 174 9.06 27.65 -15.71
C LEU B 174 8.33 28.98 -15.82
N ASP B 175 7.31 29.05 -16.66
CA ASP B 175 6.39 30.18 -16.73
C ASP B 175 5.11 29.65 -17.37
N ASP B 176 4.23 30.57 -17.80
CA ASP B 176 2.96 30.14 -18.36
C ASP B 176 3.10 29.56 -19.77
N ASN B 177 4.32 29.44 -20.30
CA ASN B 177 4.52 28.95 -21.66
C ASN B 177 5.72 28.01 -21.80
N GLN B 178 6.25 27.48 -20.71
CA GLN B 178 7.37 26.55 -20.77
C GLN B 178 7.26 25.58 -19.60
N ILE B 179 7.41 24.29 -19.89
CA ILE B 179 7.29 23.26 -18.85
C ILE B 179 8.43 22.26 -19.01
N VAL B 180 9.08 21.91 -17.90
CA VAL B 180 10.16 20.93 -17.89
C VAL B 180 9.60 19.62 -17.34
N THR B 181 9.75 18.54 -18.11
CA THR B 181 9.20 17.25 -17.74
C THR B 181 10.30 16.20 -17.64
N SER B 182 10.12 15.27 -16.71
CA SER B 182 11.03 14.17 -16.48
C SER B 182 10.29 12.85 -16.64
N SER B 183 10.87 11.95 -17.41
CA SER B 183 10.22 10.68 -17.66
C SER B 183 11.10 9.50 -17.31
N GLY B 184 10.55 8.31 -17.39
CA GLY B 184 11.27 7.10 -17.08
C GLY B 184 12.04 6.50 -18.23
N ASP B 185 12.07 7.19 -19.38
CA ASP B 185 12.83 6.72 -20.53
C ASP B 185 14.25 7.30 -20.50
N THR B 186 14.71 7.79 -19.35
CA THR B 186 16.09 8.29 -19.15
C THR B 186 16.45 9.60 -19.85
N THR B 187 15.44 10.40 -20.22
CA THR B 187 15.71 11.69 -20.83
C THR B 187 14.68 12.70 -20.35
N CYS B 188 15.14 13.87 -19.95
CA CYS B 188 14.24 14.97 -19.60
C CYS B 188 13.96 15.81 -20.84
N ALA B 189 12.94 16.67 -20.75
CA ALA B 189 12.58 17.49 -21.90
C ALA B 189 12.10 18.86 -21.42
N LEU B 190 12.30 19.86 -22.27
CA LEU B 190 11.76 21.20 -22.07
C LEU B 190 10.80 21.48 -23.21
N TRP B 191 9.55 21.74 -22.88
CA TRP B 191 8.44 21.85 -23.80
C TRP B 191 7.93 23.28 -23.86
N ASP B 192 7.59 23.72 -25.06
CA ASP B 192 6.85 24.97 -25.27
C ASP B 192 5.37 24.60 -25.33
N ILE B 193 4.61 25.02 -24.31
CA ILE B 193 3.22 24.58 -24.20
C ILE B 193 2.41 25.02 -25.41
N GLU B 194 2.66 26.23 -25.90
CA GLU B 194 1.86 26.75 -27.01
C GLU B 194 1.98 25.86 -28.24
N THR B 195 3.21 25.58 -28.67
CA THR B 195 3.40 24.77 -29.87
C THR B 195 3.17 23.29 -29.60
N GLY B 196 3.52 22.80 -28.41
CA GLY B 196 3.35 21.40 -28.09
C GLY B 196 4.46 20.51 -28.57
N GLN B 197 5.65 21.05 -28.81
CA GLN B 197 6.79 20.27 -29.28
C GLN B 197 7.98 20.50 -28.36
N GLN B 198 8.80 19.46 -28.21
CA GLN B 198 9.95 19.53 -27.33
C GLN B 198 10.93 20.59 -27.80
N THR B 199 11.01 21.72 -27.09
CA THR B 199 12.00 22.73 -27.43
C THR B 199 13.40 22.17 -27.24
N THR B 200 13.63 21.39 -26.18
CA THR B 200 14.96 20.82 -25.95
C THR B 200 14.82 19.46 -25.29
N THR B 201 15.84 18.63 -25.48
CA THR B 201 15.90 17.29 -24.89
C THR B 201 17.22 17.14 -24.15
N PHE B 202 17.16 16.64 -22.92
CA PHE B 202 18.33 16.41 -22.08
C PHE B 202 18.53 14.91 -21.92
N THR B 203 19.72 14.44 -22.30
CA THR B 203 20.06 13.03 -22.26
C THR B 203 21.43 12.86 -21.61
N GLY B 204 21.67 11.65 -21.09
CA GLY B 204 22.92 11.36 -20.42
C GLY B 204 22.76 10.43 -19.24
N HIS B 205 21.53 10.30 -18.74
CA HIS B 205 21.27 9.39 -17.65
C HIS B 205 21.25 7.95 -18.16
N THR B 206 21.32 7.01 -17.21
CA THR B 206 21.28 5.58 -17.51
C THR B 206 19.96 4.94 -17.12
N GLY B 207 19.48 5.19 -15.90
CA GLY B 207 18.23 4.64 -15.43
C GLY B 207 17.09 5.63 -15.51
N ASP B 208 15.96 5.22 -14.93
CA ASP B 208 14.78 6.06 -14.91
C ASP B 208 15.05 7.35 -14.13
N VAL B 209 14.53 8.45 -14.64
CA VAL B 209 14.66 9.70 -13.92
C VAL B 209 13.47 9.72 -12.99
N MET B 210 13.67 10.11 -11.73
CA MET B 210 12.60 10.15 -10.74
C MET B 210 12.22 11.57 -10.35
N SER B 211 13.16 12.34 -9.84
CA SER B 211 12.88 13.64 -9.26
C SER B 211 13.32 14.76 -10.19
N LEU B 212 13.16 15.99 -9.71
CA LEU B 212 13.46 17.18 -10.48
C LEU B 212 13.32 18.39 -9.56
N SER B 213 14.06 19.46 -9.86
CA SER B 213 14.04 20.65 -9.02
C SER B 213 14.59 21.87 -9.77
N LEU B 214 13.74 22.86 -10.04
CA LEU B 214 14.16 24.08 -10.72
C LEU B 214 14.94 24.97 -9.75
N ALA B 215 15.99 25.60 -10.28
CA ALA B 215 16.77 26.53 -9.47
C ALA B 215 15.93 27.77 -9.19
N PRO B 216 16.34 28.55 -8.18
CA PRO B 216 15.61 29.81 -7.93
C PRO B 216 15.67 30.78 -9.10
N ASP B 217 16.76 30.78 -9.86
CA ASP B 217 16.89 31.65 -11.02
C ASP B 217 16.18 31.13 -12.25
N THR B 218 15.68 29.89 -12.22
CA THR B 218 15.08 29.26 -13.39
C THR B 218 16.05 29.20 -14.56
N ARG B 219 17.35 29.08 -14.24
CA ARG B 219 18.39 28.96 -15.25
C ARG B 219 19.05 27.58 -15.26
N LEU B 220 18.95 26.82 -14.17
CA LEU B 220 19.52 25.49 -14.07
C LEU B 220 18.49 24.57 -13.42
N PHE B 221 18.81 23.28 -13.36
CA PHE B 221 18.04 22.36 -12.53
C PHE B 221 18.88 21.12 -12.28
N VAL B 222 18.35 20.20 -11.49
CA VAL B 222 19.03 18.96 -11.12
C VAL B 222 18.09 17.79 -11.34
N SER B 223 18.66 16.59 -11.37
CA SER B 223 17.81 15.41 -11.51
C SER B 223 18.57 14.17 -11.05
N GLY B 224 17.90 13.34 -10.26
CA GLY B 224 18.42 12.05 -9.83
C GLY B 224 17.65 10.93 -10.51
N ALA B 225 18.42 10.03 -11.16
CA ALA B 225 17.79 9.02 -12.03
C ALA B 225 18.03 7.53 -11.76
N CYS B 226 17.88 7.08 -10.53
CA CYS B 226 17.82 5.65 -10.23
C CYS B 226 19.13 4.92 -10.50
N ASP B 227 20.22 5.63 -10.78
CA ASP B 227 21.54 5.00 -10.90
C ASP B 227 22.52 5.66 -9.94
N ALA B 228 22.01 6.14 -8.80
CA ALA B 228 22.84 6.71 -7.74
C ALA B 228 23.68 7.87 -8.25
N SER B 229 23.14 8.67 -9.16
CA SER B 229 23.84 9.84 -9.66
C SER B 229 22.83 10.95 -9.94
N ALA B 230 23.17 12.16 -9.51
CA ALA B 230 22.36 13.34 -9.75
C ALA B 230 23.13 14.29 -10.65
N LYS B 231 22.51 14.67 -11.76
CA LYS B 231 23.15 15.52 -12.76
C LYS B 231 22.56 16.92 -12.72
N LEU B 232 23.43 17.91 -12.96
CA LEU B 232 23.05 19.31 -13.00
C LEU B 232 22.98 19.77 -14.45
N TRP B 233 21.82 20.26 -14.87
CA TRP B 233 21.54 20.59 -16.26
C TRP B 233 21.33 22.09 -16.42
N ASP B 234 21.79 22.62 -17.55
CA ASP B 234 21.62 24.02 -17.92
C ASP B 234 20.48 24.13 -18.92
N VAL B 235 19.47 24.93 -18.58
CA VAL B 235 18.24 24.94 -19.38
C VAL B 235 18.49 25.53 -20.76
N ARG B 236 19.15 26.68 -20.83
CA ARG B 236 19.29 27.36 -22.12
C ARG B 236 20.32 26.67 -23.01
N GLU B 237 21.44 26.24 -22.45
CA GLU B 237 22.47 25.58 -23.24
C GLU B 237 22.11 24.15 -23.59
N GLY B 238 21.18 23.55 -22.88
CA GLY B 238 20.69 22.22 -23.22
C GLY B 238 21.72 21.11 -23.13
N MET B 239 22.52 21.08 -22.07
CA MET B 239 23.52 20.03 -21.92
C MET B 239 23.93 19.96 -20.45
N CYS B 240 24.46 18.81 -20.06
CA CYS B 240 24.84 18.59 -18.67
C CYS B 240 26.09 19.41 -18.33
N ARG B 241 26.22 19.71 -17.04
CA ARG B 241 27.34 20.50 -16.55
C ARG B 241 28.16 19.76 -15.50
N GLN B 242 27.52 19.12 -14.52
CA GLN B 242 28.22 18.38 -13.48
C GLN B 242 27.40 17.16 -13.09
N THR B 243 28.08 16.19 -12.46
CA THR B 243 27.44 14.99 -11.96
C THR B 243 27.94 14.69 -10.56
N PHE B 244 27.04 14.23 -9.69
CA PHE B 244 27.35 13.88 -8.32
C PHE B 244 26.98 12.42 -8.09
N THR B 245 27.88 11.67 -7.47
CA THR B 245 27.81 10.21 -7.40
C THR B 245 28.05 9.71 -5.98
N GLY B 246 27.37 10.33 -5.01
CA GLY B 246 27.60 9.97 -3.62
C GLY B 246 26.73 8.85 -3.09
N HIS B 247 25.58 8.61 -3.73
CA HIS B 247 24.61 7.67 -3.20
C HIS B 247 24.98 6.23 -3.58
N GLU B 248 24.21 5.28 -3.04
CA GLU B 248 24.42 3.86 -3.32
C GLU B 248 23.27 3.20 -4.06
N SER B 249 22.08 3.80 -4.06
CA SER B 249 20.90 3.17 -4.63
C SER B 249 20.07 4.22 -5.33
N ASP B 250 18.82 3.87 -5.66
CA ASP B 250 17.96 4.77 -6.40
C ASP B 250 17.72 6.07 -5.63
N ILE B 251 17.58 7.15 -6.37
CA ILE B 251 17.32 8.47 -5.80
C ILE B 251 15.87 8.82 -6.06
N ASN B 252 15.11 9.09 -4.99
CA ASN B 252 13.67 9.31 -5.11
C ASN B 252 13.28 10.78 -5.07
N ALA B 253 13.94 11.59 -4.23
CA ALA B 253 13.57 12.98 -4.07
C ALA B 253 14.81 13.86 -4.08
N ILE B 254 14.66 15.07 -4.60
CA ILE B 254 15.75 16.02 -4.71
C ILE B 254 15.18 17.41 -4.46
N CYS B 255 15.96 18.29 -3.82
CA CYS B 255 15.55 19.67 -3.56
C CYS B 255 16.68 20.67 -3.67
N PHE B 256 16.41 21.87 -4.15
CA PHE B 256 17.42 22.92 -4.23
C PHE B 256 17.50 23.73 -2.93
N PHE B 257 18.70 24.14 -2.53
CA PHE B 257 18.86 24.91 -1.33
C PHE B 257 18.36 26.30 -1.63
N PRO B 258 17.84 27.01 -0.60
CA PRO B 258 17.26 28.33 -0.87
C PRO B 258 18.23 29.27 -1.56
N ASN B 259 19.49 29.26 -1.13
CA ASN B 259 20.48 30.17 -1.69
C ASN B 259 20.76 29.90 -3.15
N GLY B 260 20.67 28.64 -3.58
CA GLY B 260 20.94 28.26 -4.94
C GLY B 260 22.33 27.71 -5.20
N ASN B 261 23.10 27.43 -4.14
CA ASN B 261 24.47 26.93 -4.28
C ASN B 261 24.63 25.55 -3.64
N ALA B 262 23.55 24.80 -3.48
CA ALA B 262 23.62 23.45 -2.91
C ALA B 262 22.28 22.78 -3.13
N PHE B 263 22.25 21.46 -2.93
CA PHE B 263 21.00 20.73 -3.05
C PHE B 263 21.07 19.45 -2.22
N ALA B 264 19.92 19.04 -1.70
CA ALA B 264 19.81 17.85 -0.87
C ALA B 264 19.13 16.74 -1.65
N THR B 265 19.54 15.50 -1.39
CA THR B 265 19.03 14.34 -2.10
C THR B 265 18.71 13.22 -1.12
N GLY B 266 17.76 12.37 -1.53
CA GLY B 266 17.39 11.21 -0.73
C GLY B 266 17.19 10.00 -1.61
N SER B 267 17.64 8.84 -1.11
CA SER B 267 17.58 7.63 -1.89
C SER B 267 17.00 6.48 -1.09
N ASP B 268 16.97 5.29 -1.69
CA ASP B 268 16.39 4.13 -1.04
C ASP B 268 17.27 3.54 0.06
N ASP B 269 18.54 3.97 0.15
CA ASP B 269 19.46 3.45 1.15
C ASP B 269 19.18 4.04 2.54
N ALA B 270 18.12 4.83 2.68
CA ALA B 270 17.71 5.40 3.97
C ALA B 270 18.67 6.48 4.46
N THR B 271 19.32 7.19 3.55
CA THR B 271 20.25 8.25 3.90
C THR B 271 20.01 9.47 3.02
N CYS B 272 20.12 10.65 3.62
CA CYS B 272 20.03 11.90 2.89
C CYS B 272 21.43 12.52 2.78
N ARG B 273 21.65 13.28 1.71
CA ARG B 273 22.95 13.87 1.47
C ARG B 273 22.80 15.31 1.01
N LEU B 274 23.81 16.13 1.28
CA LEU B 274 23.84 17.53 0.87
C LEU B 274 25.05 17.77 -0.01
N PHE B 275 24.81 18.06 -1.28
CA PHE B 275 25.87 18.35 -2.24
C PHE B 275 25.98 19.84 -2.48
N ASP B 276 27.18 20.29 -2.80
CA ASP B 276 27.48 21.70 -3.03
C ASP B 276 27.90 21.89 -4.48
N LEU B 277 27.26 22.84 -5.16
CA LEU B 277 27.47 23.02 -6.59
C LEU B 277 28.88 23.52 -6.91
N ARG B 278 29.42 24.40 -6.07
CA ARG B 278 30.71 25.03 -6.37
C ARG B 278 31.89 24.14 -5.99
N ALA B 279 31.89 23.62 -4.77
CA ALA B 279 32.96 22.71 -4.37
C ALA B 279 32.93 21.42 -5.18
N ASP B 280 31.75 21.04 -5.70
CA ASP B 280 31.61 19.87 -6.55
C ASP B 280 31.88 18.58 -5.78
N GLN B 281 31.28 18.48 -4.59
CA GLN B 281 31.42 17.25 -3.80
C GLN B 281 30.38 17.26 -2.70
N GLU B 282 30.15 16.08 -2.15
CA GLU B 282 29.24 15.94 -1.02
C GLU B 282 29.79 16.69 0.18
N LEU B 283 28.89 17.27 0.97
CA LEU B 283 29.25 18.01 2.18
C LEU B 283 28.90 17.27 3.46
N MET B 284 27.72 16.67 3.57
CA MET B 284 27.35 15.97 4.78
C MET B 284 26.23 14.99 4.46
N THR B 285 26.08 14.01 5.36
CA THR B 285 25.09 12.95 5.22
C THR B 285 24.30 12.81 6.51
N TYR B 286 22.98 12.66 6.37
CA TYR B 286 22.07 12.46 7.49
C TYR B 286 21.53 11.04 7.43
N SER B 287 21.79 10.27 8.48
CA SER B 287 21.31 8.89 8.56
C SER B 287 21.43 8.44 10.01
N HIS B 288 20.80 7.29 10.29
CA HIS B 288 20.80 6.74 11.63
C HIS B 288 20.74 5.23 11.56
N ASP B 289 21.13 4.54 12.62
CA ASP B 289 21.18 3.08 12.55
C ASP B 289 19.81 2.43 12.56
N ASN B 290 18.86 3.06 13.25
CA ASN B 290 17.51 2.49 13.42
C ASN B 290 16.53 2.76 12.29
N ILE B 291 17.00 3.43 11.24
CA ILE B 291 16.16 3.76 10.09
C ILE B 291 16.62 2.94 8.91
N ILE B 292 15.73 2.13 8.33
CA ILE B 292 16.10 1.25 7.24
C ILE B 292 15.09 1.35 6.11
N CYS B 293 14.35 2.45 6.06
CA CYS B 293 13.32 2.66 5.05
C CYS B 293 13.72 3.80 4.13
N GLY B 294 13.34 3.68 2.85
CA GLY B 294 13.73 4.67 1.88
C GLY B 294 12.98 5.98 2.04
N ILE B 295 13.61 7.05 1.56
CA ILE B 295 13.05 8.39 1.60
C ILE B 295 12.22 8.61 0.35
N THR B 296 11.03 9.19 0.53
CA THR B 296 10.13 9.45 -0.59
C THR B 296 10.06 10.92 -0.97
N SER B 297 10.44 11.83 -0.09
CA SER B 297 10.37 13.26 -0.38
C SER B 297 11.39 14.00 0.48
N VAL B 298 11.75 15.20 0.03
CA VAL B 298 12.69 16.05 0.76
C VAL B 298 12.35 17.50 0.44
N SER B 299 12.53 18.37 1.42
CA SER B 299 12.25 19.79 1.24
C SER B 299 12.92 20.59 2.35
N PHE B 300 13.44 21.76 1.98
CA PHE B 300 14.07 22.68 2.91
C PHE B 300 13.03 23.64 3.49
N SER B 301 13.45 24.38 4.51
CA SER B 301 12.63 25.44 5.07
C SER B 301 13.03 26.77 4.42
N LYS B 302 12.33 27.84 4.79
CA LYS B 302 12.57 29.13 4.14
C LYS B 302 13.98 29.62 4.41
N SER B 303 14.46 29.47 5.64
CA SER B 303 15.82 29.87 5.97
C SER B 303 16.86 28.88 5.48
N GLY B 304 16.46 27.64 5.19
CA GLY B 304 17.41 26.61 4.85
C GLY B 304 18.08 25.93 6.02
N ARG B 305 17.60 26.19 7.25
CA ARG B 305 18.20 25.58 8.43
C ARG B 305 17.70 24.18 8.68
N LEU B 306 16.44 23.90 8.37
CA LEU B 306 15.84 22.60 8.62
C LEU B 306 15.76 21.79 7.33
N LEU B 307 15.72 20.46 7.48
CA LEU B 307 15.54 19.57 6.35
C LEU B 307 14.48 18.54 6.73
N LEU B 308 13.33 18.59 6.06
CA LEU B 308 12.23 17.67 6.34
C LEU B 308 12.27 16.53 5.32
N ALA B 309 12.18 15.30 5.81
CA ALA B 309 12.26 14.12 4.96
C ALA B 309 11.14 13.16 5.32
N GLY B 310 10.37 12.75 4.32
CA GLY B 310 9.31 11.77 4.53
C GLY B 310 9.80 10.36 4.21
N TYR B 311 9.42 9.43 5.08
CA TYR B 311 9.90 8.06 5.00
C TYR B 311 8.74 7.10 4.72
N ASP B 312 9.09 5.82 4.57
CA ASP B 312 8.09 4.78 4.37
C ASP B 312 7.58 4.19 5.68
N ASP B 313 8.17 4.55 6.81
CA ASP B 313 7.75 4.05 8.11
C ASP B 313 6.67 4.92 8.75
N PHE B 314 5.91 5.67 7.96
CA PHE B 314 4.68 6.36 8.33
C PHE B 314 4.91 7.69 9.07
N ASN B 315 6.15 8.08 9.35
CA ASN B 315 6.41 9.36 10.00
C ASN B 315 7.53 10.06 9.27
N CYS B 316 7.50 11.41 9.30
CA CYS B 316 8.51 12.20 8.62
C CYS B 316 9.40 12.87 9.63
N ASN B 317 10.70 12.91 9.36
CA ASN B 317 11.68 13.45 10.28
C ASN B 317 12.07 14.87 9.89
N VAL B 318 12.61 15.61 10.86
CA VAL B 318 13.04 16.99 10.70
C VAL B 318 14.46 17.07 11.24
N TRP B 319 15.43 17.24 10.34
CA TRP B 319 16.85 17.26 10.65
C TRP B 319 17.36 18.69 10.72
N ASP B 320 18.39 18.88 11.53
CA ASP B 320 19.13 20.13 11.57
C ASP B 320 20.15 20.13 10.43
N ALA B 321 20.00 21.05 9.48
CA ALA B 321 20.78 21.01 8.25
C ALA B 321 22.27 21.23 8.47
N LEU B 322 22.68 21.71 9.64
CA LEU B 322 24.09 21.99 9.91
C LEU B 322 24.69 21.07 10.97
N LYS B 323 23.93 20.72 12.00
CA LYS B 323 24.44 19.82 13.05
C LYS B 323 24.26 18.35 12.69
N ALA B 324 23.29 18.01 11.85
CA ALA B 324 23.00 16.63 11.49
C ALA B 324 22.58 15.82 12.70
N ASP B 325 21.66 16.37 13.50
CA ASP B 325 21.04 15.66 14.61
C ASP B 325 19.53 15.70 14.43
N ARG B 326 18.88 14.55 14.59
CA ARG B 326 17.43 14.50 14.45
C ARG B 326 16.79 15.48 15.42
N ALA B 327 16.16 16.53 14.88
CA ALA B 327 15.56 17.55 15.71
C ALA B 327 14.11 17.28 16.05
N GLY B 328 13.33 16.76 15.09
CA GLY B 328 11.91 16.55 15.37
C GLY B 328 11.33 15.43 14.53
N VAL B 329 10.11 15.06 14.85
CA VAL B 329 9.39 13.99 14.16
C VAL B 329 7.93 14.38 14.07
N LEU B 330 7.30 14.00 12.94
CA LEU B 330 5.87 14.22 12.73
C LEU B 330 5.32 12.82 12.53
N ALA B 331 4.30 12.42 13.28
CA ALA B 331 3.82 11.04 13.32
C ALA B 331 2.30 11.00 13.31
N GLY B 332 1.69 11.75 12.40
CA GLY B 332 0.25 11.80 12.32
C GLY B 332 -0.35 10.81 11.34
N HIS B 333 0.47 10.26 10.44
CA HIS B 333 -0.01 9.38 9.39
C HIS B 333 0.07 7.93 9.83
N ASP B 334 -0.66 7.08 9.11
CA ASP B 334 -0.72 5.65 9.39
C ASP B 334 -0.29 4.79 8.21
N ASN B 335 0.15 5.39 7.11
CA ASN B 335 0.61 4.65 5.95
C ASN B 335 1.80 5.39 5.34
N ARG B 336 2.19 4.98 4.15
CA ARG B 336 3.35 5.57 3.50
C ARG B 336 3.14 7.06 3.29
N VAL B 337 4.21 7.83 3.45
CA VAL B 337 4.21 9.26 3.15
C VAL B 337 4.84 9.44 1.79
N SER B 338 4.07 9.99 0.84
CA SER B 338 4.51 10.04 -0.55
C SER B 338 4.88 11.43 -1.03
N CYS B 339 4.31 12.50 -0.46
CA CYS B 339 4.59 13.86 -0.90
C CYS B 339 4.66 14.79 0.28
N LEU B 340 5.56 15.77 0.20
CA LEU B 340 5.80 16.73 1.26
C LEU B 340 6.13 18.07 0.63
N GLY B 341 5.80 19.16 1.33
CA GLY B 341 6.07 20.47 0.77
C GLY B 341 5.97 21.64 1.73
N VAL B 342 6.97 22.52 1.70
CA VAL B 342 6.97 23.75 2.50
C VAL B 342 6.45 24.89 1.63
N THR B 343 5.79 25.85 2.25
CA THR B 343 5.21 26.96 1.51
C THR B 343 6.28 27.99 1.14
N ASP B 344 5.90 28.90 0.24
CA ASP B 344 6.82 29.98 -0.12
C ASP B 344 7.06 30.91 1.06
N ASP B 345 6.06 31.10 1.92
CA ASP B 345 6.17 32.00 3.07
C ASP B 345 6.81 31.33 4.27
N GLY B 346 6.95 30.02 4.28
CA GLY B 346 7.46 29.33 5.45
C GLY B 346 6.47 29.24 6.58
N MET B 347 5.18 29.41 6.30
CA MET B 347 4.18 29.39 7.36
C MET B 347 3.93 27.97 7.86
N ALA B 348 3.82 27.01 6.96
CA ALA B 348 3.42 25.66 7.31
C ALA B 348 4.10 24.66 6.38
N VAL B 349 3.93 23.38 6.68
CA VAL B 349 4.42 22.30 5.82
C VAL B 349 3.30 21.29 5.65
N ALA B 350 3.01 20.93 4.40
CA ALA B 350 1.94 19.99 4.10
C ALA B 350 2.54 18.63 3.77
N THR B 351 1.80 17.58 4.10
CA THR B 351 2.21 16.21 3.80
C THR B 351 1.01 15.39 3.37
N GLY B 352 1.19 14.58 2.34
CA GLY B 352 0.20 13.62 1.90
C GLY B 352 0.67 12.21 2.15
N SER B 353 -0.25 11.25 2.25
CA SER B 353 0.13 9.89 2.57
C SER B 353 -0.87 8.92 1.96
N TRP B 354 -0.48 7.66 1.91
CA TRP B 354 -1.25 6.63 1.22
C TRP B 354 -2.56 6.31 1.92
N ASP B 355 -2.87 7.00 3.01
CA ASP B 355 -4.16 6.85 3.69
C ASP B 355 -5.21 7.81 3.17
N SER B 356 -4.90 8.55 2.09
CA SER B 356 -5.88 9.46 1.44
C SER B 356 -6.19 10.74 2.21
N PHE B 357 -5.28 11.18 3.08
CA PHE B 357 -5.47 12.43 3.80
C PHE B 357 -4.31 13.36 3.52
N LEU B 358 -4.56 14.66 3.71
CA LEU B 358 -3.53 15.69 3.65
C LEU B 358 -3.49 16.41 4.97
N LYS B 359 -2.31 16.50 5.58
CA LYS B 359 -2.13 17.17 6.86
C LYS B 359 -1.29 18.42 6.67
N ILE B 360 -1.62 19.47 7.41
CA ILE B 360 -0.90 20.74 7.36
C ILE B 360 -0.34 21.01 8.75
N TRP B 361 0.97 20.83 8.89
CA TRP B 361 1.62 21.02 10.18
C TRP B 361 2.18 22.41 10.31
N ASN B 362 2.20 22.91 11.53
CA ASN B 362 2.75 24.23 11.79
C ASN B 362 2.96 24.41 13.29
N THR C 6 28.37 -0.04 -33.03
CA THR C 6 27.98 1.35 -33.22
C THR C 6 27.49 1.96 -31.92
N ALA C 7 26.33 1.50 -31.45
CA ALA C 7 25.79 2.02 -30.20
C ALA C 7 26.72 1.73 -29.03
N SER C 8 27.28 0.52 -28.99
CA SER C 8 28.16 0.16 -27.87
C SER C 8 29.37 1.07 -27.80
N ILE C 9 29.98 1.37 -28.95
CA ILE C 9 31.16 2.24 -28.95
C ILE C 9 30.76 3.71 -28.93
N ALA C 10 29.63 4.05 -29.55
CA ALA C 10 29.18 5.44 -29.54
C ALA C 10 28.87 5.91 -28.12
N GLN C 11 28.24 5.04 -27.32
CA GLN C 11 27.93 5.40 -25.95
C GLN C 11 29.21 5.67 -25.16
N ALA C 12 30.22 4.82 -25.33
CA ALA C 12 31.49 5.02 -24.63
C ALA C 12 32.17 6.30 -25.09
N ARG C 13 32.14 6.59 -26.39
CA ARG C 13 32.74 7.82 -26.90
C ARG C 13 32.06 9.04 -26.32
N LYS C 14 30.72 9.04 -26.29
CA LYS C 14 29.99 10.16 -25.71
C LYS C 14 30.31 10.31 -24.23
N LEU C 15 30.38 9.19 -23.51
CA LEU C 15 30.70 9.25 -22.09
C LEU C 15 32.08 9.86 -21.87
N VAL C 16 33.06 9.45 -22.68
CA VAL C 16 34.41 9.99 -22.53
C VAL C 16 34.42 11.49 -22.83
N GLU C 17 33.72 11.92 -23.88
CA GLU C 17 33.68 13.33 -24.21
C GLU C 17 33.06 14.15 -23.07
N GLN C 18 31.93 13.67 -22.55
CA GLN C 18 31.27 14.41 -21.48
C GLN C 18 32.12 14.43 -20.22
N LEU C 19 32.82 13.33 -19.94
CA LEU C 19 33.70 13.30 -18.78
C LEU C 19 34.83 14.30 -18.92
N LYS C 20 35.41 14.41 -20.12
CA LYS C 20 36.43 15.43 -20.36
C LYS C 20 35.87 16.82 -20.15
N MET C 21 34.68 17.08 -20.70
CA MET C 21 34.05 18.38 -20.53
C MET C 21 33.87 18.71 -19.06
N GLU C 22 33.40 17.74 -18.27
CA GLU C 22 33.23 17.96 -16.84
C GLU C 22 34.58 18.22 -16.18
N ALA C 23 35.62 17.51 -16.59
CA ALA C 23 36.94 17.72 -16.02
C ALA C 23 37.50 19.10 -16.33
N ASN C 24 37.01 19.74 -17.40
CA ASN C 24 37.49 21.09 -17.73
C ASN C 24 37.06 22.14 -16.71
N ILE C 25 36.16 21.81 -15.78
CA ILE C 25 35.61 22.83 -14.88
C ILE C 25 36.53 23.05 -13.69
N ASP C 26 36.49 24.27 -13.15
CA ASP C 26 37.25 24.65 -11.97
C ASP C 26 36.46 24.34 -10.70
N ARG C 27 37.12 24.48 -9.56
CA ARG C 27 36.53 24.10 -8.28
C ARG C 27 36.94 25.08 -7.19
N ILE C 28 36.28 24.97 -6.03
CA ILE C 28 36.45 25.87 -4.91
C ILE C 28 36.71 25.04 -3.66
N LYS C 29 37.30 25.68 -2.66
CA LYS C 29 37.57 25.02 -1.39
C LYS C 29 36.28 24.82 -0.61
N VAL C 30 36.25 23.77 0.20
CA VAL C 30 35.05 23.46 0.96
C VAL C 30 34.82 24.46 2.07
N SER C 31 35.89 25.03 2.64
CA SER C 31 35.74 25.95 3.75
C SER C 31 34.93 27.17 3.36
N LYS C 32 35.18 27.72 2.17
CA LYS C 32 34.43 28.90 1.73
C LYS C 32 32.96 28.57 1.53
N ALA C 33 32.66 27.39 0.95
CA ALA C 33 31.26 27.00 0.78
C ALA C 33 30.56 26.86 2.12
N ALA C 34 31.22 26.22 3.09
CA ALA C 34 30.62 26.08 4.41
C ALA C 34 30.40 27.45 5.05
N ALA C 35 31.35 28.36 4.90
CA ALA C 35 31.21 29.69 5.47
C ALA C 35 30.02 30.42 4.84
N ASP C 36 29.88 30.32 3.52
CA ASP C 36 28.75 30.96 2.85
C ASP C 36 27.43 30.37 3.32
N LEU C 37 27.37 29.04 3.45
CA LEU C 37 26.13 28.43 3.91
C LEU C 37 25.77 28.89 5.31
N MET C 38 26.75 28.94 6.21
CA MET C 38 26.48 29.42 7.57
C MET C 38 26.04 30.88 7.55
N ALA C 39 26.66 31.70 6.71
CA ALA C 39 26.27 33.10 6.63
C ALA C 39 24.83 33.24 6.21
N TYR C 40 24.43 32.51 5.17
CA TYR C 40 23.04 32.58 4.73
C TYR C 40 22.11 32.06 5.81
N CYS C 41 22.49 30.97 6.49
CA CYS C 41 21.62 30.41 7.52
C CYS C 41 21.40 31.39 8.66
N GLU C 42 22.45 32.06 9.09
CA GLU C 42 22.34 32.96 10.24
C GLU C 42 21.68 34.27 9.88
N ALA C 43 21.93 34.77 8.67
CA ALA C 43 21.38 36.07 8.30
C ALA C 43 19.86 36.06 8.28
N HIS C 44 19.26 34.99 7.78
CA HIS C 44 17.81 34.90 7.59
C HIS C 44 17.12 34.10 8.68
N ALA C 45 17.80 33.85 9.80
CA ALA C 45 17.23 32.99 10.83
C ALA C 45 15.93 33.56 11.40
N LYS C 46 15.72 34.86 11.27
CA LYS C 46 14.57 35.50 11.90
C LYS C 46 13.32 35.53 11.02
N GLU C 47 13.38 34.96 9.81
CA GLU C 47 12.25 34.95 8.90
C GLU C 47 11.68 33.55 8.70
N ASP C 48 11.97 32.62 9.59
CA ASP C 48 11.46 31.25 9.48
C ASP C 48 10.40 30.95 10.57
N PRO C 49 9.11 31.06 10.22
CA PRO C 49 8.09 30.78 11.24
C PRO C 49 8.25 29.40 11.86
N LEU C 50 8.73 28.41 11.12
CA LEU C 50 8.90 27.07 11.68
C LEU C 50 10.04 27.04 12.68
N LEU C 51 11.17 27.67 12.35
CA LEU C 51 12.34 27.57 13.21
C LEU C 51 12.08 28.22 14.57
N THR C 52 11.41 29.37 14.59
CA THR C 52 11.08 30.07 15.82
C THR C 52 9.58 30.26 15.95
N PRO C 53 9.02 30.12 17.14
CA PRO C 53 7.56 30.19 17.27
C PRO C 53 7.01 31.53 16.82
N VAL C 54 5.80 31.50 16.30
CA VAL C 54 5.11 32.69 15.81
C VAL C 54 3.87 32.90 16.67
N PRO C 55 3.60 34.10 17.17
CA PRO C 55 2.38 34.31 17.97
C PRO C 55 1.13 34.01 17.17
N ALA C 56 0.10 33.55 17.87
CA ALA C 56 -1.15 33.15 17.23
C ALA C 56 -1.89 34.31 16.60
N SER C 57 -1.49 35.55 16.88
CA SER C 57 -2.17 36.70 16.29
C SER C 57 -2.09 36.67 14.77
N GLU C 58 -0.93 36.29 14.22
CA GLU C 58 -0.73 36.28 12.78
C GLU C 58 -0.75 34.88 12.18
N ASN C 59 -0.52 33.84 12.98
CA ASN C 59 -0.54 32.48 12.49
C ASN C 59 -1.88 32.17 11.84
N PRO C 60 -1.96 32.09 10.52
CA PRO C 60 -3.27 31.87 9.88
C PRO C 60 -3.94 30.58 10.30
N PHE C 61 -3.17 29.54 10.62
CA PHE C 61 -3.72 28.21 10.92
C PHE C 61 -3.95 28.07 12.42
N ARG C 62 -4.99 28.74 12.89
CA ARG C 62 -5.40 28.64 14.29
C ARG C 62 -6.93 28.75 14.40
N GLN D 24 30.93 5.60 -5.63
CA GLN D 24 30.24 5.09 -6.81
C GLN D 24 30.25 3.57 -6.82
N VAL D 25 29.09 2.96 -7.06
CA VAL D 25 29.00 1.50 -7.11
C VAL D 25 29.93 0.99 -8.19
N GLN D 26 30.92 0.19 -7.81
CA GLN D 26 31.89 -0.37 -8.72
C GLN D 26 31.96 -1.88 -8.55
N LEU D 27 31.79 -2.61 -9.65
CA LEU D 27 31.87 -4.06 -9.66
C LEU D 27 32.85 -4.50 -10.74
N GLN D 28 33.81 -5.34 -10.37
CA GLN D 28 34.87 -5.76 -11.27
C GLN D 28 34.98 -7.28 -11.26
N GLU D 29 34.86 -7.90 -12.43
CA GLU D 29 34.98 -9.34 -12.56
C GLU D 29 36.38 -9.73 -12.96
N SER D 30 36.83 -10.88 -12.46
CA SER D 30 38.15 -11.41 -12.77
C SER D 30 38.07 -12.93 -12.89
N GLY D 31 39.03 -13.49 -13.61
CA GLY D 31 39.04 -14.92 -13.87
C GLY D 31 38.27 -15.27 -15.12
N GLY D 32 38.85 -16.09 -15.98
CA GLY D 32 38.20 -16.46 -17.22
C GLY D 32 39.20 -17.01 -18.22
N GLY D 33 38.87 -16.85 -19.50
CA GLY D 33 39.76 -17.25 -20.56
C GLY D 33 39.28 -18.45 -21.34
N LEU D 34 40.19 -19.39 -21.61
CA LEU D 34 39.90 -20.58 -22.40
C LEU D 34 40.20 -21.82 -21.58
N VAL D 35 39.27 -22.77 -21.60
CA VAL D 35 39.40 -24.01 -20.86
C VAL D 35 38.93 -25.17 -21.74
N GLN D 36 39.64 -26.29 -21.66
CA GLN D 36 39.22 -27.48 -22.39
C GLN D 36 38.03 -28.13 -21.69
N PRO D 37 37.19 -28.85 -22.42
CA PRO D 37 36.01 -29.46 -21.81
C PRO D 37 36.41 -30.42 -20.69
N GLY D 38 35.59 -30.46 -19.64
CA GLY D 38 35.85 -31.28 -18.48
C GLY D 38 36.72 -30.63 -17.42
N GLY D 39 37.20 -29.41 -17.67
CA GLY D 39 38.06 -28.74 -16.72
C GLY D 39 37.28 -28.02 -15.65
N SER D 40 37.99 -27.16 -14.91
CA SER D 40 37.40 -26.39 -13.83
C SER D 40 37.91 -24.95 -13.91
N LEU D 41 37.14 -24.03 -13.35
CA LEU D 41 37.45 -22.62 -13.42
C LEU D 41 36.83 -21.91 -12.22
N ARG D 42 37.36 -20.73 -11.92
CA ARG D 42 36.92 -19.93 -10.77
C ARG D 42 36.76 -18.49 -11.22
N LEU D 43 35.58 -17.91 -10.96
CA LEU D 43 35.30 -16.52 -11.27
C LEU D 43 35.17 -15.74 -9.98
N SER D 44 35.73 -14.53 -9.97
CA SER D 44 35.70 -13.67 -8.80
C SER D 44 35.10 -12.32 -9.15
N CYS D 45 34.45 -11.70 -8.18
CA CYS D 45 33.81 -10.40 -8.35
C CYS D 45 34.12 -9.54 -7.15
N ALA D 46 34.71 -8.38 -7.38
CA ALA D 46 35.07 -7.44 -6.34
C ALA D 46 34.15 -6.23 -6.40
N ALA D 47 33.62 -5.83 -5.25
CA ALA D 47 32.63 -4.77 -5.15
C ALA D 47 33.13 -3.67 -4.24
N SER D 48 32.81 -2.42 -4.60
CA SER D 48 33.20 -1.27 -3.81
C SER D 48 32.16 -0.18 -3.99
N GLY D 49 32.12 0.74 -3.02
CA GLY D 49 31.22 1.87 -3.08
C GLY D 49 29.90 1.68 -2.37
N PHE D 50 29.69 0.57 -1.70
CA PHE D 50 28.46 0.34 -0.94
C PHE D 50 28.73 -0.69 0.14
N THR D 51 27.85 -0.70 1.13
CA THR D 51 27.94 -1.69 2.21
C THR D 51 27.66 -3.07 1.63
N PHE D 52 28.69 -3.92 1.58
CA PHE D 52 28.58 -5.18 0.88
C PHE D 52 27.62 -6.14 1.58
N SER D 53 27.60 -6.12 2.91
CA SER D 53 26.89 -7.15 3.67
C SER D 53 25.37 -7.00 3.62
N ASN D 54 24.85 -5.90 3.10
CA ASN D 54 23.41 -5.64 3.15
C ASN D 54 22.68 -5.97 1.85
N TYR D 55 23.35 -6.53 0.85
CA TYR D 55 22.76 -6.72 -0.47
C TYR D 55 22.86 -8.17 -0.90
N LYS D 56 21.73 -8.72 -1.35
CA LYS D 56 21.73 -10.01 -2.02
C LYS D 56 22.42 -9.89 -3.37
N MET D 57 23.15 -10.94 -3.77
CA MET D 57 23.97 -10.87 -4.97
C MET D 57 23.70 -12.09 -5.85
N ASN D 58 24.12 -12.01 -7.10
CA ASN D 58 23.90 -13.13 -8.00
C ASN D 58 24.87 -13.07 -9.17
N TRP D 59 24.99 -14.20 -9.85
CA TRP D 59 25.76 -14.34 -11.07
C TRP D 59 24.80 -14.60 -12.22
N VAL D 60 24.95 -13.84 -13.30
CA VAL D 60 24.19 -14.04 -14.53
C VAL D 60 25.19 -14.22 -15.67
N ARG D 61 24.69 -14.63 -16.83
CA ARG D 61 25.57 -14.87 -17.97
C ARG D 61 24.84 -14.52 -19.25
N GLN D 62 25.62 -14.28 -20.30
CA GLN D 62 25.09 -14.00 -21.63
C GLN D 62 25.91 -14.76 -22.65
N ALA D 63 25.23 -15.61 -23.44
CA ALA D 63 25.87 -16.37 -24.50
C ALA D 63 25.69 -15.65 -25.84
N PRO D 64 26.59 -15.86 -26.79
CA PRO D 64 26.48 -15.13 -28.07
C PRO D 64 25.16 -15.43 -28.77
N GLY D 65 24.56 -14.38 -29.32
CA GLY D 65 23.28 -14.53 -30.00
C GLY D 65 22.11 -14.76 -29.09
N LYS D 66 22.29 -14.61 -27.78
CA LYS D 66 21.24 -14.86 -26.80
C LYS D 66 21.22 -13.75 -25.76
N GLY D 67 20.07 -13.58 -25.13
CA GLY D 67 19.91 -12.59 -24.10
C GLY D 67 20.48 -13.05 -22.77
N LEU D 68 20.37 -12.17 -21.77
CA LEU D 68 20.87 -12.48 -20.45
C LEU D 68 20.11 -13.67 -19.86
N GLU D 69 20.84 -14.49 -19.10
CA GLU D 69 20.26 -15.63 -18.40
C GLU D 69 20.70 -15.58 -16.94
N TRP D 70 19.86 -16.11 -16.07
CA TRP D 70 20.16 -16.13 -14.64
C TRP D 70 20.86 -17.45 -14.29
N VAL D 71 22.01 -17.35 -13.64
CA VAL D 71 22.83 -18.51 -13.33
C VAL D 71 22.69 -18.95 -11.88
N SER D 72 22.85 -18.02 -10.93
CA SER D 72 22.68 -18.39 -9.53
C SER D 72 22.59 -17.14 -8.68
N ASP D 73 22.14 -17.31 -7.43
CA ASP D 73 22.03 -16.20 -6.51
C ASP D 73 22.29 -16.66 -5.09
N ILE D 74 22.73 -15.71 -4.26
CA ILE D 74 23.05 -15.95 -2.86
C ILE D 74 22.59 -14.74 -2.05
N SER D 75 22.11 -15.02 -0.83
CA SER D 75 21.58 -14.00 0.04
C SER D 75 22.63 -13.23 0.82
N GLN D 76 22.21 -12.42 1.77
CA GLN D 76 23.15 -11.56 2.47
C GLN D 76 24.18 -12.38 3.24
N SER D 77 23.72 -13.31 4.07
CA SER D 77 24.59 -14.11 4.93
C SER D 77 24.92 -15.48 4.35
N GLY D 78 24.45 -15.78 3.14
CA GLY D 78 24.71 -17.06 2.53
C GLY D 78 23.80 -18.18 2.98
N ALA D 79 22.81 -17.91 3.81
CA ALA D 79 21.92 -18.96 4.28
C ALA D 79 21.12 -19.57 3.13
N SER D 80 20.60 -18.73 2.23
CA SER D 80 19.79 -19.17 1.11
C SER D 80 20.58 -19.05 -0.18
N ILE D 81 20.67 -20.15 -0.92
CA ILE D 81 21.40 -20.20 -2.18
C ILE D 81 20.49 -20.83 -3.23
N SER D 82 20.57 -20.34 -4.47
CA SER D 82 19.75 -20.87 -5.54
C SER D 82 20.57 -20.97 -6.81
N TYR D 83 20.30 -22.01 -7.60
CA TYR D 83 20.94 -22.23 -8.88
C TYR D 83 19.88 -22.48 -9.95
N THR D 84 20.28 -22.31 -11.20
CA THR D 84 19.44 -22.69 -12.33
C THR D 84 19.49 -24.20 -12.53
N GLY D 85 18.48 -24.72 -13.22
CA GLY D 85 18.38 -26.17 -13.38
C GLY D 85 19.57 -26.76 -14.11
N SER D 86 19.96 -26.16 -15.24
CA SER D 86 21.03 -26.72 -16.05
C SER D 86 22.37 -26.70 -15.34
N VAL D 87 22.51 -25.89 -14.29
CA VAL D 87 23.76 -25.78 -13.55
C VAL D 87 23.77 -26.61 -12.28
N LYS D 88 22.62 -27.05 -11.80
CA LYS D 88 22.54 -27.67 -10.48
C LYS D 88 23.46 -28.87 -10.38
N GLY D 89 24.21 -28.93 -9.28
CA GLY D 89 25.14 -30.01 -9.04
C GLY D 89 26.52 -29.82 -9.64
N ARG D 90 26.76 -28.70 -10.32
CA ARG D 90 28.03 -28.44 -10.99
C ARG D 90 28.76 -27.23 -10.41
N PHE D 91 28.10 -26.08 -10.30
CA PHE D 91 28.72 -24.86 -9.85
C PHE D 91 28.45 -24.66 -8.35
N THR D 92 29.11 -23.66 -7.78
CA THR D 92 28.88 -23.29 -6.38
C THR D 92 29.18 -21.82 -6.22
N ILE D 93 28.37 -21.13 -5.42
CA ILE D 93 28.47 -19.68 -5.25
C ILE D 93 28.68 -19.39 -3.78
N SER D 94 29.67 -18.54 -3.48
CA SER D 94 29.98 -18.16 -2.12
C SER D 94 30.29 -16.67 -2.07
N ARG D 95 30.16 -16.08 -0.87
CA ARG D 95 30.45 -14.68 -0.69
C ARG D 95 31.21 -14.42 0.60
N ASP D 96 32.25 -13.60 0.54
CA ASP D 96 33.09 -13.25 1.68
C ASP D 96 32.84 -11.79 2.01
N ASN D 97 32.14 -11.53 3.11
CA ASN D 97 31.79 -10.18 3.52
C ASN D 97 32.91 -9.50 4.29
N ALA D 98 33.93 -10.23 4.74
CA ALA D 98 35.06 -9.60 5.41
C ALA D 98 35.87 -8.76 4.45
N LYS D 99 36.03 -9.21 3.20
CA LYS D 99 36.75 -8.47 2.18
C LYS D 99 35.87 -8.09 0.99
N ASN D 100 34.55 -8.30 1.09
CA ASN D 100 33.61 -7.87 0.06
C ASN D 100 33.96 -8.47 -1.31
N THR D 101 33.86 -9.80 -1.39
CA THR D 101 34.13 -10.49 -2.65
C THR D 101 33.09 -11.59 -2.85
N LEU D 102 32.90 -11.96 -4.11
CA LEU D 102 31.97 -13.01 -4.50
C LEU D 102 32.70 -14.01 -5.38
N TYR D 103 32.46 -15.30 -5.15
CA TYR D 103 33.17 -16.36 -5.86
C TYR D 103 32.17 -17.33 -6.48
N LEU D 104 32.46 -17.74 -7.71
CA LEU D 104 31.70 -18.79 -8.39
C LEU D 104 32.69 -19.84 -8.88
N GLN D 105 32.61 -21.04 -8.31
CA GLN D 105 33.46 -22.16 -8.68
C GLN D 105 32.69 -23.06 -9.62
N MET D 106 33.19 -23.23 -10.84
CA MET D 106 32.54 -24.04 -11.86
C MET D 106 33.44 -25.22 -12.22
N ASN D 107 32.84 -26.37 -12.44
CA ASN D 107 33.60 -27.56 -12.80
C ASN D 107 32.76 -28.43 -13.73
N SER D 108 33.46 -29.28 -14.49
CA SER D 108 32.82 -30.15 -15.48
C SER D 108 32.10 -29.32 -16.54
N LEU D 109 32.84 -28.43 -17.17
CA LEU D 109 32.27 -27.53 -18.15
C LEU D 109 31.87 -28.28 -19.42
N LYS D 110 30.99 -27.66 -20.20
CA LYS D 110 30.53 -28.16 -21.47
C LYS D 110 30.55 -27.03 -22.49
N PRO D 111 30.53 -27.36 -23.78
CA PRO D 111 30.64 -26.30 -24.80
C PRO D 111 29.57 -25.23 -24.69
N GLU D 112 28.38 -25.56 -24.18
CA GLU D 112 27.30 -24.58 -24.09
C GLU D 112 27.54 -23.53 -23.00
N ASP D 113 28.56 -23.70 -22.16
CA ASP D 113 28.84 -22.71 -21.12
C ASP D 113 29.66 -21.54 -21.62
N THR D 114 30.10 -21.55 -22.87
CA THR D 114 30.85 -20.42 -23.42
C THR D 114 29.99 -19.16 -23.40
N ALA D 115 30.41 -18.18 -22.61
CA ALA D 115 29.64 -16.96 -22.44
C ALA D 115 30.37 -15.91 -21.63
N VAL D 116 29.77 -14.73 -21.50
CA VAL D 116 30.30 -13.65 -20.66
C VAL D 116 29.51 -13.65 -19.36
N TYR D 117 30.21 -13.72 -18.24
CA TYR D 117 29.60 -13.81 -16.93
C TYR D 117 29.63 -12.44 -16.25
N TYR D 118 28.50 -12.07 -15.65
CA TYR D 118 28.32 -10.80 -14.98
C TYR D 118 27.95 -11.03 -13.52
N CYS D 119 28.42 -10.11 -12.67
CA CYS D 119 28.20 -10.15 -11.23
C CYS D 119 27.21 -9.03 -10.88
N ALA D 120 25.97 -9.39 -10.58
CA ALA D 120 24.90 -8.43 -10.41
C ALA D 120 24.45 -8.36 -8.96
N ARG D 121 23.89 -7.21 -8.60
CA ARG D 121 23.43 -6.92 -7.26
C ARG D 121 21.97 -6.49 -7.30
N CYS D 122 21.22 -6.85 -6.25
CA CYS D 122 19.82 -6.44 -6.20
C CYS D 122 19.73 -4.93 -5.99
N PRO D 123 18.66 -4.29 -6.49
CA PRO D 123 18.58 -2.82 -6.40
C PRO D 123 18.67 -2.27 -4.99
N ALA D 124 17.76 -2.71 -4.09
CA ALA D 124 17.66 -2.13 -2.76
C ALA D 124 18.12 -3.11 -1.69
N PRO D 125 18.50 -2.62 -0.51
CA PRO D 125 18.94 -3.50 0.57
C PRO D 125 17.78 -3.93 1.46
N PHE D 126 18.06 -4.93 2.30
CA PHE D 126 17.11 -5.44 3.29
C PHE D 126 15.85 -6.01 2.66
N THR D 127 15.95 -6.59 1.46
CA THR D 127 14.81 -7.17 0.79
C THR D 127 15.26 -8.38 -0.03
N ARG D 128 14.29 -9.23 -0.40
CA ARG D 128 14.56 -10.43 -1.16
C ARG D 128 13.87 -10.44 -2.52
N ASP D 129 13.42 -9.29 -3.01
CA ASP D 129 12.97 -9.16 -4.39
C ASP D 129 14.12 -8.63 -5.25
N CYS D 130 14.11 -9.00 -6.53
CA CYS D 130 15.21 -8.68 -7.41
C CYS D 130 14.71 -8.57 -8.84
N PHE D 131 15.20 -7.58 -9.59
CA PHE D 131 14.82 -7.34 -10.98
C PHE D 131 16.05 -7.03 -11.82
N ASP D 132 17.09 -7.87 -11.71
CA ASP D 132 18.44 -7.50 -12.12
C ASP D 132 18.93 -8.23 -13.37
N VAL D 133 18.02 -8.72 -14.22
CA VAL D 133 18.39 -9.38 -15.47
C VAL D 133 18.09 -8.52 -16.69
N THR D 134 17.54 -7.32 -16.48
CA THR D 134 17.00 -6.53 -17.60
C THR D 134 18.01 -6.38 -18.71
N SER D 135 17.54 -6.57 -19.95
CA SER D 135 18.42 -6.47 -21.10
C SER D 135 19.00 -5.07 -21.22
N THR D 136 18.18 -4.05 -21.02
CA THR D 136 18.68 -2.68 -21.08
C THR D 136 19.79 -2.50 -20.05
N THR D 137 20.45 -1.36 -20.13
CA THR D 137 21.56 -1.08 -19.23
C THR D 137 21.09 -1.15 -17.78
N TYR D 138 21.54 -2.16 -17.06
CA TYR D 138 21.30 -2.24 -15.62
C TYR D 138 22.46 -1.55 -14.91
N ALA D 139 22.13 -0.63 -14.01
CA ALA D 139 23.11 0.31 -13.48
C ALA D 139 23.98 -0.29 -12.38
N TYR D 140 23.73 -1.52 -11.95
CA TYR D 140 24.42 -2.10 -10.81
C TYR D 140 25.05 -3.45 -11.14
N ARG D 141 25.58 -3.59 -12.35
CA ARG D 141 26.30 -4.80 -12.74
C ARG D 141 27.62 -4.42 -13.40
N GLY D 142 28.63 -5.29 -13.22
CA GLY D 142 29.96 -5.02 -13.69
C GLY D 142 30.10 -5.25 -15.19
N GLN D 143 31.35 -5.16 -15.66
CA GLN D 143 31.63 -5.30 -17.07
C GLN D 143 31.59 -6.76 -17.53
N GLY D 144 32.03 -7.69 -16.68
CA GLY D 144 31.94 -9.10 -16.96
C GLY D 144 33.27 -9.71 -17.33
N THR D 145 33.27 -11.04 -17.41
CA THR D 145 34.46 -11.81 -17.77
C THR D 145 34.08 -12.87 -18.79
N GLN D 146 34.94 -13.07 -19.79
CA GLN D 146 34.66 -13.99 -20.89
C GLN D 146 35.22 -15.36 -20.57
N VAL D 147 34.39 -16.40 -20.73
CA VAL D 147 34.80 -17.79 -20.50
C VAL D 147 34.41 -18.59 -21.73
N THR D 148 35.37 -19.29 -22.32
CA THR D 148 35.12 -20.13 -23.48
C THR D 148 35.65 -21.53 -23.24
N VAL D 149 34.80 -22.53 -23.51
CA VAL D 149 35.12 -23.94 -23.30
C VAL D 149 35.05 -24.62 -24.66
N SER D 150 36.19 -25.10 -25.14
CA SER D 150 36.24 -25.79 -26.42
C SER D 150 37.53 -26.60 -26.49
N SER D 151 37.59 -27.50 -27.46
CA SER D 151 38.75 -28.35 -27.65
C SER D 151 39.96 -27.51 -28.06
N SER E 22 -26.78 -8.39 50.02
CA SER E 22 -26.00 -7.37 49.32
C SER E 22 -26.39 -7.30 47.85
N PHE E 23 -27.68 -7.39 47.55
CA PHE E 23 -28.12 -7.36 46.16
C PHE E 23 -27.90 -5.99 45.54
N GLY E 24 -28.06 -4.94 46.34
CA GLY E 24 -27.90 -3.59 45.82
C GLY E 24 -26.47 -3.33 45.37
N VAL E 25 -25.50 -3.75 46.18
CA VAL E 25 -24.09 -3.52 45.84
C VAL E 25 -23.70 -4.29 44.60
N ILE E 26 -24.13 -5.54 44.50
CA ILE E 26 -23.78 -6.36 43.35
C ILE E 26 -24.42 -5.77 42.09
N LEU E 27 -25.65 -5.28 42.20
CA LEU E 27 -26.32 -4.70 41.05
C LEU E 27 -25.62 -3.42 40.62
N ALA E 28 -25.15 -2.67 41.60
CA ALA E 28 -24.46 -1.43 41.30
C ALA E 28 -23.19 -1.71 40.56
N VAL E 29 -22.42 -2.69 41.03
CA VAL E 29 -21.17 -3.05 40.40
C VAL E 29 -21.41 -3.51 38.98
N LEU E 30 -22.38 -4.40 38.82
CA LEU E 30 -22.68 -4.96 37.51
C LEU E 30 -23.14 -3.89 36.54
N ALA E 31 -23.81 -2.85 37.03
CA ALA E 31 -24.21 -1.75 36.17
C ALA E 31 -23.05 -0.80 35.86
N SER E 32 -22.08 -0.67 36.77
CA SER E 32 -20.94 0.19 36.51
C SER E 32 -19.97 -0.43 35.51
N LEU E 33 -19.76 -1.73 35.62
CA LEU E 33 -18.89 -2.43 34.69
C LEU E 33 -19.37 -2.21 33.29
N ILE E 34 -20.65 -2.46 33.06
CA ILE E 34 -21.24 -2.34 31.74
C ILE E 34 -20.98 -0.95 31.16
N ILE E 35 -21.31 0.09 31.94
CA ILE E 35 -21.15 1.45 31.44
C ILE E 35 -19.69 1.71 31.06
N ALA E 36 -18.77 1.37 31.96
CA ALA E 36 -17.36 1.68 31.71
C ALA E 36 -16.87 0.97 30.44
N THR E 37 -17.06 -0.35 30.36
CA THR E 37 -16.50 -1.09 29.24
C THR E 37 -17.15 -0.67 27.92
N ASN E 38 -18.46 -0.46 27.92
CA ASN E 38 -19.16 -0.12 26.68
C ASN E 38 -18.84 1.29 26.23
N THR E 39 -18.69 2.22 27.16
CA THR E 39 -18.27 3.56 26.79
C THR E 39 -16.87 3.59 26.21
N LEU E 40 -15.94 2.85 26.82
CA LEU E 40 -14.58 2.81 26.27
C LEU E 40 -14.58 2.21 24.86
N VAL E 41 -15.32 1.13 24.68
CA VAL E 41 -15.42 0.52 23.36
C VAL E 41 -15.96 1.53 22.38
N ALA E 42 -17.05 2.18 22.75
CA ALA E 42 -17.69 3.13 21.84
C ALA E 42 -16.74 4.24 21.44
N VAL E 43 -15.95 4.74 22.39
CA VAL E 43 -14.99 5.79 22.07
C VAL E 43 -13.97 5.29 21.07
N ALA E 44 -13.45 4.07 21.30
CA ALA E 44 -12.48 3.52 20.37
C ALA E 44 -13.08 3.33 18.98
N VAL E 45 -14.32 2.87 18.94
CA VAL E 45 -14.99 2.65 17.67
C VAL E 45 -15.12 3.96 16.94
N LEU E 46 -15.54 5.00 17.66
CA LEU E 46 -15.68 6.31 17.07
C LEU E 46 -14.37 6.70 16.43
N LEU E 47 -13.30 6.67 17.21
CA LEU E 47 -12.00 7.07 16.69
C LEU E 47 -11.67 6.31 15.41
N LEU E 48 -11.92 5.00 15.41
CA LEU E 48 -11.64 4.18 14.24
C LEU E 48 -12.53 4.56 13.06
N ILE E 49 -13.76 4.95 13.32
CA ILE E 49 -14.66 5.32 12.25
C ILE E 49 -14.17 6.60 11.62
N HIS E 50 -13.72 7.54 12.45
CA HIS E 50 -13.18 8.80 11.94
C HIS E 50 -11.92 8.56 11.11
N LYS E 51 -10.96 7.82 11.66
CA LYS E 51 -9.71 7.57 10.95
C LYS E 51 -9.95 6.77 9.67
N ASN E 52 -10.44 5.55 9.80
CA ASN E 52 -10.70 4.66 8.68
C ASN E 52 -12.21 4.57 8.47
N ASP E 53 -12.64 4.77 7.23
CA ASP E 53 -14.06 4.72 6.91
C ASP E 53 -14.50 3.28 6.64
N GLY E 54 -15.71 2.95 7.07
CA GLY E 54 -16.29 1.66 6.82
C GLY E 54 -17.66 1.50 7.43
N VAL E 55 -18.60 0.95 6.65
CA VAL E 55 -19.96 0.77 7.15
C VAL E 55 -20.02 -0.30 8.22
N SER E 56 -19.24 -1.37 8.06
CA SER E 56 -19.31 -2.48 9.01
C SER E 56 -19.07 -2.02 10.44
N LEU E 57 -18.29 -0.96 10.61
CA LEU E 57 -17.98 -0.45 11.94
C LEU E 57 -19.17 0.20 12.58
N CYS E 58 -19.99 0.87 11.79
CA CYS E 58 -21.11 1.63 12.33
C CYS E 58 -21.98 0.77 13.22
N PHE E 59 -22.44 -0.39 12.73
CA PHE E 59 -23.27 -1.30 13.53
C PHE E 59 -22.61 -1.72 14.81
N THR E 60 -21.30 -1.92 14.85
CA THR E 60 -20.61 -2.20 16.10
C THR E 60 -20.79 -1.04 17.07
N LEU E 61 -20.53 0.19 16.61
CA LEU E 61 -20.68 1.34 17.48
C LEU E 61 -22.08 1.36 18.09
N ASN E 62 -23.09 1.20 17.23
CA ASN E 62 -24.46 1.20 17.69
C ASN E 62 -24.64 0.23 18.84
N LEU E 63 -24.10 -0.98 18.71
CA LEU E 63 -24.19 -1.97 19.78
C LEU E 63 -23.56 -1.44 21.06
N ALA E 64 -22.32 -0.93 20.96
CA ALA E 64 -21.65 -0.42 22.13
C ALA E 64 -22.42 0.71 22.79
N VAL E 65 -23.28 1.40 22.04
CA VAL E 65 -24.15 2.39 22.66
C VAL E 65 -25.34 1.70 23.32
N ALA E 66 -26.03 0.83 22.60
CA ALA E 66 -27.21 0.18 23.14
C ALA E 66 -26.88 -0.69 24.35
N ASP E 67 -25.63 -1.10 24.49
CA ASP E 67 -25.20 -1.92 25.61
C ASP E 67 -24.79 -1.09 26.82
N THR E 68 -24.82 0.23 26.73
CA THR E 68 -24.52 1.06 27.91
C THR E 68 -25.80 1.67 28.49
N LEU E 69 -26.74 2.10 27.64
CA LEU E 69 -28.01 2.59 28.18
C LEU E 69 -28.64 1.55 29.08
N ILE E 70 -28.54 0.28 28.70
CA ILE E 70 -29.08 -0.80 29.53
C ILE E 70 -28.53 -0.71 30.94
N GLY E 71 -27.23 -0.54 31.08
CA GLY E 71 -26.64 -0.36 32.39
C GLY E 71 -27.23 0.84 33.11
N VAL E 72 -27.34 1.96 32.40
CA VAL E 72 -27.97 3.14 32.98
C VAL E 72 -29.36 2.78 33.49
N ALA E 73 -30.14 2.09 32.65
CA ALA E 73 -31.47 1.66 33.07
C ALA E 73 -31.40 0.91 34.39
N ILE E 74 -30.48 -0.04 34.48
CA ILE E 74 -30.34 -0.81 35.71
C ILE E 74 -30.12 0.14 36.88
N SER E 75 -29.21 1.10 36.72
CA SER E 75 -28.95 2.06 37.78
C SER E 75 -30.23 2.75 38.20
N GLY E 76 -31.06 3.16 37.24
CA GLY E 76 -32.30 3.82 37.58
C GLY E 76 -33.17 2.97 38.49
N LEU E 77 -33.17 1.66 38.27
CA LEU E 77 -33.99 0.79 39.08
C LEU E 77 -33.34 0.52 40.43
N LEU E 78 -32.02 0.61 40.50
CA LEU E 78 -31.33 0.26 41.75
C LEU E 78 -31.82 1.10 42.94
N THR E 79 -31.94 2.41 42.77
CA THR E 79 -32.34 3.26 43.88
C THR E 79 -33.67 2.81 44.49
N ASP E 80 -34.57 2.27 43.67
CA ASP E 80 -35.84 1.82 44.19
C ASP E 80 -35.67 0.65 45.16
N GLN E 81 -34.77 -0.27 44.83
CA GLN E 81 -34.54 -1.45 45.66
C GLN E 81 -33.59 -1.18 46.82
N LEU E 82 -32.97 -0.01 46.84
CA LEU E 82 -32.01 0.32 47.90
C LEU E 82 -32.67 0.91 49.14
N SER E 83 -33.98 1.13 49.08
CA SER E 83 -34.72 1.68 50.22
C SER E 83 -36.16 1.18 50.14
N SER E 84 -37.04 1.80 50.92
CA SER E 84 -38.45 1.43 50.90
C SER E 84 -39.10 1.97 49.63
N PRO E 85 -39.69 1.12 48.80
CA PRO E 85 -40.29 1.61 47.54
C PRO E 85 -41.74 2.03 47.69
N SER E 86 -42.25 2.10 48.91
CA SER E 86 -43.65 2.42 49.10
C SER E 86 -43.99 3.79 48.58
N ARG E 87 -45.00 3.88 47.70
CA ARG E 87 -45.43 5.17 47.15
C ARG E 87 -46.78 5.05 46.45
N PRO E 88 -47.47 6.19 46.24
CA PRO E 88 -48.80 6.12 45.62
C PRO E 88 -48.71 5.89 44.13
N THR E 89 -47.80 6.58 43.47
CA THR E 89 -47.66 6.45 42.03
C THR E 89 -46.69 5.31 41.76
N GLN E 90 -46.43 4.46 42.74
CA GLN E 90 -45.47 3.41 42.51
C GLN E 90 -45.79 2.65 41.23
N LYS E 91 -47.05 2.54 40.84
CA LYS E 91 -47.36 1.77 39.65
C LYS E 91 -47.10 2.59 38.40
N THR E 92 -47.34 3.89 38.47
CA THR E 92 -47.06 4.74 37.34
C THR E 92 -45.57 4.78 37.16
N LEU E 93 -44.84 4.61 38.25
CA LEU E 93 -43.40 4.68 38.19
C LEU E 93 -42.85 3.42 37.62
N CYS E 94 -43.23 2.30 38.22
CA CYS E 94 -42.68 1.01 37.84
C CYS E 94 -43.01 0.71 36.38
N SER E 95 -44.20 1.07 35.93
CA SER E 95 -44.56 0.82 34.54
C SER E 95 -43.56 1.47 33.60
N LEU E 96 -42.94 2.56 34.02
CA LEU E 96 -42.01 3.26 33.17
C LEU E 96 -40.61 2.71 33.31
N ARG E 97 -40.20 2.38 34.53
CA ARG E 97 -38.91 1.76 34.76
C ARG E 97 -38.86 0.50 33.96
N MET E 98 -39.67 -0.48 34.32
CA MET E 98 -39.67 -1.76 33.65
C MET E 98 -39.65 -1.58 32.16
N ALA E 99 -40.59 -0.81 31.62
CA ALA E 99 -40.68 -0.60 30.17
C ALA E 99 -39.38 -0.07 29.59
N PHE E 100 -38.66 0.75 30.35
CA PHE E 100 -37.37 1.22 29.88
C PHE E 100 -36.39 0.06 29.80
N VAL E 101 -36.32 -0.75 30.85
CA VAL E 101 -35.36 -1.85 30.87
C VAL E 101 -35.65 -2.83 29.73
N THR E 102 -36.93 -3.13 29.54
CA THR E 102 -37.32 -4.09 28.51
C THR E 102 -36.99 -3.57 27.13
N SER E 103 -37.24 -2.27 26.93
CA SER E 103 -36.95 -1.65 25.64
C SER E 103 -35.45 -1.66 25.40
N SER E 104 -34.67 -1.38 26.43
CA SER E 104 -33.23 -1.34 26.28
C SER E 104 -32.63 -2.71 25.99
N ALA E 105 -33.22 -3.78 26.53
CA ALA E 105 -32.71 -5.12 26.24
C ALA E 105 -32.93 -5.51 24.79
N ALA E 106 -34.10 -5.17 24.23
CA ALA E 106 -34.35 -5.46 22.83
C ALA E 106 -33.46 -4.66 21.90
N ALA E 107 -32.86 -3.57 22.38
CA ALA E 107 -31.92 -2.82 21.57
C ALA E 107 -30.57 -3.51 21.48
N SER E 108 -30.22 -4.31 22.50
CA SER E 108 -29.00 -5.10 22.44
C SER E 108 -29.21 -6.49 21.87
N VAL E 109 -30.45 -6.97 21.82
CA VAL E 109 -30.72 -8.24 21.16
C VAL E 109 -30.95 -8.06 19.67
N LEU E 110 -31.55 -6.94 19.26
CA LEU E 110 -31.77 -6.67 17.84
C LEU E 110 -30.53 -6.11 17.16
N THR E 111 -29.53 -5.63 17.90
CA THR E 111 -28.34 -5.17 17.21
C THR E 111 -27.53 -6.37 16.75
N VAL E 112 -27.51 -7.44 17.55
CA VAL E 112 -26.71 -8.61 17.20
C VAL E 112 -27.26 -9.29 15.95
N MET E 113 -28.57 -9.18 15.74
CA MET E 113 -29.20 -9.78 14.57
C MET E 113 -28.99 -8.94 13.32
N LEU E 114 -28.30 -7.81 13.41
CA LEU E 114 -27.98 -6.97 12.25
C LEU E 114 -26.53 -7.14 11.90
N ILE E 115 -25.63 -7.33 12.83
CA ILE E 115 -24.26 -7.69 12.50
C ILE E 115 -24.21 -9.05 11.81
N THR E 116 -24.96 -10.03 12.30
CA THR E 116 -24.97 -11.34 11.68
C THR E 116 -25.50 -11.28 10.24
N PHE E 117 -26.61 -10.57 10.02
CA PHE E 117 -27.14 -10.47 8.68
C PHE E 117 -26.15 -9.77 7.74
N ASP E 118 -25.53 -8.69 8.22
CA ASP E 118 -24.58 -7.97 7.38
C ASP E 118 -23.39 -8.85 7.02
N ARG E 119 -22.77 -9.48 8.03
CA ARG E 119 -21.59 -10.29 7.78
C ARG E 119 -21.90 -11.63 7.12
N TYR E 120 -23.17 -12.01 7.00
CA TYR E 120 -23.55 -13.16 6.21
C TYR E 120 -23.82 -12.79 4.76
N LEU E 121 -24.46 -11.63 4.53
CA LEU E 121 -24.61 -11.15 3.17
C LEU E 121 -23.28 -10.75 2.56
N ALA E 122 -22.28 -10.44 3.38
CA ALA E 122 -20.95 -10.10 2.88
C ALA E 122 -20.16 -11.33 2.43
N ILE E 123 -20.62 -12.53 2.73
CA ILE E 123 -19.93 -13.75 2.34
C ILE E 123 -20.75 -14.55 1.33
N LYS E 124 -22.06 -14.66 1.54
CA LYS E 124 -22.88 -15.44 0.61
C LYS E 124 -22.84 -14.84 -0.79
N GLN E 125 -23.09 -13.53 -0.91
CA GLN E 125 -23.08 -12.83 -2.18
C GLN E 125 -22.13 -11.66 -2.07
N PRO E 126 -20.86 -11.83 -2.44
CA PRO E 126 -19.86 -10.77 -2.25
C PRO E 126 -19.81 -9.74 -3.35
N PHE E 127 -20.45 -9.98 -4.49
CA PHE E 127 -20.42 -9.04 -5.59
C PHE E 127 -21.56 -8.02 -5.46
N ARG E 128 -22.64 -8.41 -4.80
CA ARG E 128 -23.77 -7.50 -4.63
C ARG E 128 -23.66 -6.68 -3.36
N TYR E 129 -22.91 -7.18 -2.39
CA TYR E 129 -22.79 -6.47 -1.12
C TYR E 129 -22.00 -5.18 -1.24
N LEU E 130 -21.20 -5.03 -2.30
CA LEU E 130 -20.47 -3.79 -2.54
C LEU E 130 -21.27 -2.80 -3.36
N LYS E 131 -22.22 -3.28 -4.16
CA LYS E 131 -23.05 -2.45 -5.00
C LYS E 131 -24.34 -2.02 -4.31
N ILE E 132 -24.56 -2.42 -3.06
CA ILE E 132 -25.80 -2.16 -2.33
C ILE E 132 -25.54 -1.40 -1.04
N MET E 133 -24.60 -1.88 -0.23
CA MET E 133 -24.39 -1.31 1.10
C MET E 133 -23.66 0.02 1.03
N SER E 134 -24.09 0.96 1.87
CA SER E 134 -23.50 2.28 1.96
C SER E 134 -23.85 2.86 3.34
N GLY E 135 -23.46 4.11 3.58
CA GLY E 135 -23.74 4.73 4.87
C GLY E 135 -25.22 4.97 5.09
N PHE E 136 -25.95 5.36 4.05
CA PHE E 136 -27.36 5.65 4.20
C PHE E 136 -28.14 4.42 4.64
N VAL E 137 -27.84 3.26 4.05
CA VAL E 137 -28.55 2.04 4.42
C VAL E 137 -28.30 1.70 5.88
N ALA E 138 -27.04 1.82 6.33
CA ALA E 138 -26.73 1.54 7.73
C ALA E 138 -27.48 2.49 8.65
N GLY E 139 -27.50 3.78 8.32
CA GLY E 139 -28.22 4.74 9.15
C GLY E 139 -29.71 4.45 9.22
N ALA E 140 -30.33 4.15 8.07
CA ALA E 140 -31.74 3.84 8.07
C ALA E 140 -32.03 2.60 8.90
N CYS E 141 -31.20 1.56 8.75
CA CYS E 141 -31.40 0.34 9.52
C CYS E 141 -31.26 0.60 11.01
N ILE E 142 -30.33 1.45 11.41
CA ILE E 142 -30.14 1.69 12.82
C ILE E 142 -31.31 2.51 13.37
N ALA E 143 -31.83 3.46 12.59
CA ALA E 143 -33.01 4.21 13.03
C ALA E 143 -34.20 3.29 13.20
N GLY E 144 -34.44 2.41 12.22
CA GLY E 144 -35.53 1.46 12.35
C GLY E 144 -35.35 0.54 13.54
N LEU E 145 -34.11 0.10 13.78
CA LEU E 145 -33.85 -0.78 14.90
C LEU E 145 -34.18 -0.10 16.23
N TRP E 146 -33.76 1.16 16.38
CA TRP E 146 -34.05 1.86 17.63
C TRP E 146 -35.56 2.09 17.79
N LEU E 147 -36.24 2.45 16.70
CA LEU E 147 -37.68 2.68 16.78
C LEU E 147 -38.40 1.41 17.20
N VAL E 148 -38.07 0.28 16.58
CA VAL E 148 -38.74 -0.98 16.92
C VAL E 148 -38.36 -1.42 18.33
N SER E 149 -37.12 -1.18 18.74
CA SER E 149 -36.68 -1.55 20.08
C SER E 149 -37.43 -0.77 21.15
N TYR E 150 -37.75 0.49 20.83
CA TYR E 150 -38.48 1.35 21.77
C TYR E 150 -39.96 1.18 21.70
N LEU E 151 -40.43 0.55 20.64
CA LEU E 151 -41.86 0.28 20.51
C LEU E 151 -42.28 -1.02 21.17
N ILE E 152 -41.34 -1.86 21.59
CA ILE E 152 -41.65 -3.18 22.13
C ILE E 152 -41.72 -3.12 23.65
N GLY E 153 -41.01 -2.18 24.26
CA GLY E 153 -40.96 -2.10 25.71
C GLY E 153 -42.13 -1.36 26.34
N PHE E 154 -42.54 -0.25 25.75
CA PHE E 154 -43.64 0.53 26.29
C PHE E 154 -45.00 0.05 25.82
N LEU E 155 -45.01 -0.86 24.84
CA LEU E 155 -46.26 -1.45 24.35
C LEU E 155 -47.15 -2.04 25.44
N PRO E 156 -46.57 -2.75 26.42
CA PRO E 156 -47.41 -3.26 27.52
C PRO E 156 -48.09 -2.16 28.32
N LEU E 157 -47.53 -0.95 28.32
CA LEU E 157 -48.15 0.16 29.02
C LEU E 157 -49.44 0.60 28.31
N GLY E 158 -49.71 0.06 27.12
CA GLY E 158 -50.89 0.37 26.36
C GLY E 158 -51.93 -0.72 26.48
N ILE E 159 -51.89 -1.69 25.55
CA ILE E 159 -52.77 -2.84 25.59
C ILE E 159 -52.88 -3.40 26.99
N PRO E 160 -54.10 -3.74 27.42
CA PRO E 160 -54.15 -4.21 28.81
C PRO E 160 -54.03 -5.72 29.00
N MET E 161 -54.09 -6.50 27.93
CA MET E 161 -53.94 -7.94 28.05
C MET E 161 -52.64 -8.29 28.73
N PHE E 162 -51.61 -7.47 28.51
CA PHE E 162 -50.28 -7.74 29.08
C PHE E 162 -50.03 -7.07 30.41
N GLN E 163 -51.02 -6.37 30.96
CA GLN E 163 -50.86 -5.75 32.26
C GLN E 163 -51.43 -6.55 33.41
N GLN E 164 -50.94 -6.30 34.61
CA GLN E 164 -51.42 -6.97 35.81
C GLN E 164 -51.88 -5.94 36.82
N THR E 165 -52.98 -6.23 37.50
CA THR E 165 -53.51 -5.32 38.50
C THR E 165 -52.53 -5.17 39.67
N ALA E 166 -52.32 -3.93 40.09
CA ALA E 166 -51.36 -3.68 41.15
C ALA E 166 -51.79 -4.28 42.47
N TYR E 167 -50.84 -4.88 43.17
CA TYR E 167 -51.09 -5.45 44.49
C TYR E 167 -50.25 -4.80 45.57
N LYS E 168 -48.94 -4.72 45.38
CA LYS E 168 -48.03 -4.16 46.37
C LYS E 168 -47.36 -2.90 45.83
N GLY E 169 -46.47 -2.31 46.63
CA GLY E 169 -45.79 -1.09 46.20
C GLY E 169 -44.33 -1.34 45.89
N GLN E 170 -43.99 -2.55 45.47
CA GLN E 170 -42.64 -2.84 45.06
C GLN E 170 -42.56 -2.93 43.54
N CYS E 171 -41.38 -3.27 43.02
CA CYS E 171 -41.19 -3.37 41.58
C CYS E 171 -40.70 -4.75 41.18
N SER E 172 -41.32 -5.32 40.15
CA SER E 172 -40.91 -6.62 39.64
C SER E 172 -41.39 -6.73 38.21
N PHE E 173 -40.70 -7.42 37.32
CA PHE E 173 -41.18 -7.42 35.95
C PHE E 173 -42.56 -7.96 35.98
N PHE E 174 -42.80 -9.05 36.70
CA PHE E 174 -44.12 -9.65 36.66
C PHE E 174 -45.13 -8.88 37.51
N ALA E 175 -44.66 -8.04 38.43
CA ALA E 175 -45.55 -7.24 39.28
C ALA E 175 -46.41 -6.31 38.45
N VAL E 176 -45.90 -5.88 37.31
CA VAL E 176 -46.59 -4.93 36.45
C VAL E 176 -47.05 -5.56 35.14
N PHE E 177 -46.23 -6.44 34.59
CA PHE E 177 -46.57 -7.09 33.32
C PHE E 177 -46.97 -8.54 33.53
N HIS E 178 -48.08 -8.93 32.90
CA HIS E 178 -48.54 -10.30 33.00
C HIS E 178 -47.55 -11.25 32.32
N PRO E 179 -47.57 -12.52 32.74
CA PRO E 179 -46.68 -13.45 32.04
C PRO E 179 -47.06 -13.66 30.57
N HIS E 180 -48.31 -13.41 30.18
CA HIS E 180 -48.67 -13.49 28.77
C HIS E 180 -47.75 -12.64 27.90
N PHE E 181 -47.25 -11.55 28.48
CA PHE E 181 -46.31 -10.68 27.76
C PHE E 181 -44.99 -11.40 27.50
N VAL E 182 -44.53 -12.19 28.46
CA VAL E 182 -43.32 -12.98 28.27
C VAL E 182 -43.57 -14.09 27.26
N LEU E 183 -44.77 -14.65 27.31
CA LEU E 183 -45.06 -15.73 26.40
C LEU E 183 -45.05 -15.25 24.97
N THR E 184 -45.72 -14.14 24.71
CA THR E 184 -45.77 -13.58 23.36
C THR E 184 -44.39 -13.14 22.90
N LEU E 185 -43.59 -12.58 23.82
CA LEU E 185 -42.24 -12.17 23.47
C LEU E 185 -41.40 -13.37 23.05
N SER E 186 -41.51 -14.48 23.77
CA SER E 186 -40.72 -15.65 23.44
C SER E 186 -41.21 -16.34 22.18
N CYS E 187 -42.52 -16.27 21.91
CA CYS E 187 -43.08 -16.95 20.74
C CYS E 187 -43.06 -16.09 19.48
N VAL E 188 -42.73 -14.80 19.59
CA VAL E 188 -42.66 -13.93 18.42
C VAL E 188 -41.34 -13.18 18.43
N GLY E 189 -40.60 -13.31 19.53
CA GLY E 189 -39.36 -12.58 19.70
C GLY E 189 -38.11 -13.44 19.59
N PHE E 190 -37.59 -13.85 20.74
CA PHE E 190 -36.29 -14.52 20.79
C PHE E 190 -36.20 -15.67 19.80
N PHE E 191 -37.04 -16.70 19.96
CA PHE E 191 -36.85 -17.94 19.23
C PHE E 191 -36.80 -17.75 17.71
N PRO E 192 -37.68 -16.95 17.09
CA PRO E 192 -37.51 -16.69 15.66
C PRO E 192 -36.18 -16.06 15.32
N ALA E 193 -35.61 -15.25 16.21
CA ALA E 193 -34.30 -14.66 15.99
C ALA E 193 -33.17 -15.61 16.34
N MET E 194 -33.46 -16.70 17.05
CA MET E 194 -32.48 -17.74 17.35
C MET E 194 -32.36 -18.73 16.21
N LEU E 195 -33.48 -19.11 15.61
CA LEU E 195 -33.44 -20.03 14.47
C LEU E 195 -32.65 -19.42 13.32
N LEU E 196 -32.90 -18.13 13.02
CA LEU E 196 -32.18 -17.47 11.94
C LEU E 196 -30.70 -17.40 12.24
N PHE E 197 -30.35 -17.07 13.48
CA PHE E 197 -28.94 -17.00 13.87
C PHE E 197 -28.28 -18.32 13.64
N VAL E 198 -28.87 -19.39 14.14
CA VAL E 198 -28.28 -20.72 14.03
C VAL E 198 -28.12 -21.10 12.56
N PHE E 199 -29.16 -20.86 11.75
CA PHE E 199 -29.05 -21.21 10.34
C PHE E 199 -27.93 -20.44 9.66
N PHE E 200 -27.83 -19.14 9.92
CA PHE E 200 -26.81 -18.32 9.28
C PHE E 200 -25.42 -18.82 9.64
N TYR E 201 -25.19 -19.03 10.95
CA TYR E 201 -23.88 -19.44 11.42
C TYR E 201 -23.50 -20.83 10.95
N CYS E 202 -24.49 -21.71 10.83
CA CYS E 202 -24.20 -23.08 10.42
C CYS E 202 -24.10 -23.22 8.91
N ASP E 203 -24.58 -22.23 8.15
CA ASP E 203 -24.34 -22.22 6.71
C ASP E 203 -23.02 -21.55 6.35
N MET E 204 -22.64 -20.50 7.08
CA MET E 204 -21.32 -19.91 6.83
C MET E 204 -20.21 -20.90 7.15
N LEU E 205 -20.47 -21.82 8.08
CA LEU E 205 -19.48 -22.83 8.41
C LEU E 205 -19.28 -23.77 7.24
N LYS E 206 -20.38 -24.21 6.62
CA LYS E 206 -20.28 -25.07 5.44
C LYS E 206 -19.66 -24.35 4.27
N ILE E 207 -19.87 -23.03 4.16
CA ILE E 207 -19.22 -22.26 3.11
C ILE E 207 -17.73 -22.16 3.36
N ALA E 208 -17.31 -22.03 4.62
CA ALA E 208 -15.90 -21.90 4.97
C ALA E 208 -15.16 -23.22 5.00
N SER E 209 -15.87 -24.35 5.02
CA SER E 209 -15.20 -25.65 4.94
C SER E 209 -14.67 -25.97 3.55
N MET E 210 -15.38 -25.61 2.50
CA MET E 210 -14.89 -25.85 1.14
C MET E 210 -13.59 -25.09 0.88
N HIS E 211 -13.53 -23.83 1.32
CA HIS E 211 -12.30 -23.05 1.14
C HIS E 211 -11.14 -23.68 1.90
N SER E 212 -11.39 -24.14 3.12
CA SER E 212 -10.33 -24.79 3.89
C SER E 212 -9.83 -26.04 3.18
N GLN E 213 -10.75 -26.84 2.65
CA GLN E 213 -10.34 -28.04 1.91
C GLN E 213 -9.52 -27.67 0.68
N GLN E 214 -9.97 -26.66 -0.07
CA GLN E 214 -9.26 -26.27 -1.28
C GLN E 214 -7.85 -25.77 -0.97
N ILE E 215 -7.72 -24.96 0.07
CA ILE E 215 -6.41 -24.40 0.41
C ILE E 215 -5.52 -25.46 1.06
N ARG E 216 -6.11 -26.49 1.67
CA ARG E 216 -5.32 -27.56 2.27
C ARG E 216 -4.90 -28.60 1.26
N LYS E 217 -5.59 -28.70 0.13
CA LYS E 217 -5.22 -29.65 -0.92
C LYS E 217 -4.14 -29.11 -1.85
N MET E 218 -3.69 -27.87 -1.65
CA MET E 218 -2.63 -27.27 -2.45
C MET E 218 -1.30 -27.21 -1.73
N GLU E 219 -1.31 -26.96 -0.42
CA GLU E 219 -0.06 -26.99 0.34
C GLU E 219 0.57 -28.38 0.32
N HIS E 220 -0.26 -29.43 0.29
CA HIS E 220 0.27 -30.78 0.21
C HIS E 220 1.03 -30.99 -1.09
N ALA E 221 0.45 -30.55 -2.22
CA ALA E 221 1.14 -30.67 -3.50
C ALA E 221 2.40 -29.82 -3.51
N GLY E 222 2.34 -28.62 -2.94
CA GLY E 222 3.52 -27.77 -2.89
C GLY E 222 4.66 -28.41 -2.11
N ALA E 223 4.35 -28.98 -0.94
CA ALA E 223 5.37 -29.65 -0.16
C ALA E 223 5.90 -30.89 -0.89
N MET E 224 5.02 -31.65 -1.52
CA MET E 224 5.46 -32.84 -2.24
C MET E 224 6.40 -32.50 -3.37
N ALA E 225 6.11 -31.42 -4.09
CA ALA E 225 6.96 -30.99 -5.18
C ALA E 225 8.36 -30.69 -4.68
N GLY E 226 8.46 -29.98 -3.57
CA GLY E 226 9.73 -29.60 -2.99
C GLY E 226 9.79 -29.78 -1.48
N ASP E 236 -8.85 -25.70 10.57
CA ASP E 236 -9.90 -26.72 10.67
C ASP E 236 -10.76 -26.49 11.91
N PHE E 237 -10.15 -26.54 13.08
CA PHE E 237 -10.85 -26.28 14.33
C PHE E 237 -11.12 -24.80 14.56
N LYS E 238 -10.54 -23.92 13.74
CA LYS E 238 -10.77 -22.48 13.92
C LYS E 238 -12.23 -22.12 13.66
N ALA E 239 -12.84 -22.73 12.65
CA ALA E 239 -14.21 -22.36 12.30
C ALA E 239 -15.25 -22.97 13.24
N LEU E 240 -14.86 -23.97 14.03
CA LEU E 240 -15.82 -24.63 14.91
C LEU E 240 -15.77 -24.12 16.34
N ARG E 241 -14.61 -23.65 16.79
CA ARG E 241 -14.51 -23.00 18.10
C ARG E 241 -14.86 -21.53 18.04
N THR E 242 -15.15 -21.00 16.85
CA THR E 242 -15.58 -19.61 16.69
C THR E 242 -17.05 -19.47 16.32
N VAL E 243 -17.68 -20.54 15.85
CA VAL E 243 -19.11 -20.52 15.53
C VAL E 243 -19.92 -20.97 16.75
N SER E 244 -19.26 -21.62 17.71
CA SER E 244 -19.94 -22.10 18.91
C SER E 244 -20.01 -21.04 20.00
N VAL E 245 -18.96 -20.23 20.14
CA VAL E 245 -19.01 -19.13 21.10
C VAL E 245 -20.08 -18.13 20.70
N LEU E 246 -20.15 -17.82 19.41
CA LEU E 246 -21.12 -16.84 18.93
C LEU E 246 -22.54 -17.38 19.01
N ILE E 247 -22.69 -18.70 19.12
CA ILE E 247 -24.01 -19.31 19.26
C ILE E 247 -24.33 -19.58 20.72
N GLY E 248 -23.36 -20.07 21.49
CA GLY E 248 -23.60 -20.30 22.90
C GLY E 248 -23.89 -19.01 23.66
N SER E 249 -23.16 -17.94 23.34
CA SER E 249 -23.39 -16.67 24.01
C SER E 249 -24.80 -16.16 23.74
N PHE E 250 -25.26 -16.24 22.49
CA PHE E 250 -26.62 -15.85 22.17
C PHE E 250 -27.63 -16.74 22.89
N ALA E 251 -27.36 -18.04 22.93
CA ALA E 251 -28.32 -18.95 23.51
C ALA E 251 -28.50 -18.75 24.99
N LEU E 252 -27.39 -18.66 25.70
CA LEU E 252 -27.44 -18.54 27.16
C LEU E 252 -27.51 -17.09 27.61
N SER E 253 -28.44 -16.33 27.03
CA SER E 253 -28.66 -14.94 27.42
C SER E 253 -30.05 -14.73 27.99
N TRP E 254 -31.08 -15.13 27.25
CA TRP E 254 -32.45 -14.97 27.72
C TRP E 254 -33.24 -16.26 27.75
N THR E 255 -32.67 -17.32 27.17
CA THR E 255 -33.37 -18.59 27.11
C THR E 255 -33.92 -19.00 28.46
N PRO E 256 -33.07 -19.06 29.49
CA PRO E 256 -33.60 -19.55 30.76
C PRO E 256 -34.82 -18.77 31.19
N PHE E 257 -34.77 -17.45 31.15
CA PHE E 257 -35.85 -16.60 31.64
C PHE E 257 -37.14 -16.88 30.89
N LEU E 258 -37.08 -16.88 29.56
CA LEU E 258 -38.29 -17.12 28.78
C LEU E 258 -38.83 -18.52 29.01
N ILE E 259 -37.95 -19.51 29.15
CA ILE E 259 -38.39 -20.88 29.40
C ILE E 259 -39.10 -20.98 30.74
N THR E 260 -38.53 -20.32 31.76
CA THR E 260 -39.14 -20.33 33.08
C THR E 260 -40.49 -19.66 33.03
N GLY E 261 -40.58 -18.53 32.36
CA GLY E 261 -41.85 -17.83 32.22
C GLY E 261 -42.89 -18.67 31.51
N ILE E 262 -42.49 -19.39 30.48
CA ILE E 262 -43.43 -20.23 29.75
C ILE E 262 -43.89 -21.37 30.65
N VAL E 263 -42.98 -21.94 31.44
CA VAL E 263 -43.37 -22.98 32.39
C VAL E 263 -44.39 -22.44 33.37
N GLN E 264 -44.15 -21.23 33.90
CA GLN E 264 -45.09 -20.64 34.84
C GLN E 264 -46.45 -20.43 34.20
N VAL E 265 -46.47 -19.94 32.97
CA VAL E 265 -47.71 -19.69 32.27
C VAL E 265 -48.48 -20.98 32.06
N ALA E 266 -47.80 -22.03 31.62
CA ALA E 266 -48.45 -23.31 31.33
C ALA E 266 -48.99 -23.96 32.60
N CYS E 267 -48.19 -23.97 33.66
CA CYS E 267 -48.56 -24.59 34.93
C CYS E 267 -48.39 -23.55 36.04
N GLN E 268 -49.49 -22.92 36.44
CA GLN E 268 -49.46 -21.89 37.47
C GLN E 268 -49.23 -22.44 38.86
N GLU E 269 -49.34 -23.75 39.05
CA GLU E 269 -49.16 -24.33 40.37
C GLU E 269 -47.75 -24.09 40.91
N CYS E 270 -46.77 -23.92 40.02
CA CYS E 270 -45.39 -23.66 40.44
C CYS E 270 -45.26 -22.21 40.88
N HIS E 271 -45.84 -21.93 42.05
CA HIS E 271 -45.84 -20.57 42.59
C HIS E 271 -44.46 -20.10 42.98
N LEU E 272 -43.50 -21.01 43.11
CA LEU E 272 -42.13 -20.65 43.50
C LEU E 272 -41.35 -19.95 42.40
N TYR E 273 -41.96 -19.61 41.27
CA TYR E 273 -41.17 -19.02 40.20
C TYR E 273 -40.81 -17.55 40.40
N LEU E 274 -41.48 -16.79 41.23
CA LEU E 274 -41.10 -15.40 41.30
C LEU E 274 -39.69 -15.16 41.85
N VAL E 275 -39.28 -15.75 42.96
CA VAL E 275 -37.92 -15.49 43.41
C VAL E 275 -36.92 -15.83 42.30
N LEU E 276 -37.11 -16.96 41.64
CA LEU E 276 -36.20 -17.35 40.58
C LEU E 276 -36.14 -16.28 39.49
N GLU E 277 -37.29 -15.78 39.07
CA GLU E 277 -37.31 -14.75 38.05
C GLU E 277 -36.65 -13.46 38.55
N ARG E 278 -36.61 -13.28 39.87
CA ARG E 278 -35.93 -12.12 40.44
C ARG E 278 -34.44 -12.30 40.45
N TYR E 279 -33.96 -13.56 40.43
CA TYR E 279 -32.55 -13.84 40.52
C TYR E 279 -32.04 -14.58 39.29
N LEU E 280 -32.87 -14.70 38.25
CA LEU E 280 -32.48 -15.41 37.02
C LEU E 280 -32.27 -14.44 35.89
N TRP E 281 -32.94 -13.30 35.92
CA TRP E 281 -32.86 -12.35 34.81
C TRP E 281 -31.45 -11.85 34.58
N LEU E 282 -30.59 -11.89 35.60
CA LEU E 282 -29.26 -11.31 35.47
C LEU E 282 -28.55 -11.81 34.22
N LEU E 283 -28.70 -13.09 33.91
CA LEU E 283 -28.03 -13.65 32.74
C LEU E 283 -28.25 -12.78 31.52
N GLY E 284 -29.50 -12.38 31.29
CA GLY E 284 -29.81 -11.51 30.18
C GLY E 284 -28.92 -10.27 30.18
N VAL E 285 -28.94 -9.53 31.29
CA VAL E 285 -28.14 -8.32 31.39
C VAL E 285 -26.68 -8.69 31.44
N GLY E 286 -26.36 -9.87 31.93
CA GLY E 286 -24.98 -10.33 31.93
C GLY E 286 -24.40 -10.42 30.54
N ASN E 287 -25.25 -10.69 29.54
CA ASN E 287 -24.78 -10.79 28.17
C ASN E 287 -24.11 -9.49 27.72
N SER E 288 -24.53 -8.36 28.29
CA SER E 288 -23.94 -7.08 27.90
C SER E 288 -22.49 -6.96 28.31
N LEU E 289 -21.98 -7.87 29.13
CA LEU E 289 -20.56 -7.89 29.48
C LEU E 289 -19.75 -8.77 28.54
N LEU E 290 -20.39 -9.41 27.56
CA LEU E 290 -19.69 -10.20 26.56
C LEU E 290 -19.79 -9.64 25.16
N ASN E 291 -20.85 -8.90 24.85
CA ASN E 291 -20.97 -8.29 23.53
C ASN E 291 -19.81 -7.37 23.21
N PRO E 292 -19.38 -6.51 24.14
CA PRO E 292 -18.24 -5.66 23.77
C PRO E 292 -16.90 -6.38 23.79
N LEU E 293 -16.89 -7.68 24.07
CA LEU E 293 -15.68 -8.48 24.14
C LEU E 293 -15.64 -9.58 23.09
N ILE E 294 -16.69 -9.72 22.28
CA ILE E 294 -16.75 -10.76 21.26
C ILE E 294 -16.82 -10.13 19.88
N TYR E 295 -17.40 -8.94 19.80
CA TYR E 295 -17.60 -8.26 18.52
C TYR E 295 -16.69 -7.05 18.32
N ALA E 296 -16.11 -6.52 19.39
CA ALA E 296 -15.28 -5.31 19.27
C ALA E 296 -13.85 -5.50 19.76
N TYR E 297 -13.57 -6.54 20.53
CA TYR E 297 -12.24 -6.74 21.06
C TYR E 297 -11.56 -7.93 20.38
N TRP E 298 -12.19 -8.49 19.37
CA TRP E 298 -11.62 -9.63 18.67
C TRP E 298 -11.11 -9.22 17.32
N GLN E 299 -11.40 -8.00 16.90
CA GLN E 299 -10.94 -7.52 15.62
C GLN E 299 -9.58 -6.90 15.87
N LYS E 300 -8.69 -6.95 14.88
CA LYS E 300 -7.34 -6.44 15.09
C LYS E 300 -7.34 -4.92 15.19
N GLU E 301 -8.16 -4.25 14.38
CA GLU E 301 -8.17 -2.79 14.37
C GLU E 301 -8.54 -2.24 15.74
N VAL E 302 -9.63 -2.73 16.30
CA VAL E 302 -10.08 -2.18 17.57
C VAL E 302 -9.13 -2.53 18.69
N ARG E 303 -8.59 -3.74 18.69
CA ARG E 303 -7.62 -4.11 19.70
C ARG E 303 -6.40 -3.19 19.67
N LEU E 304 -5.85 -2.99 18.47
CA LEU E 304 -4.67 -2.11 18.34
C LEU E 304 -5.01 -0.68 18.75
N GLN E 305 -6.21 -0.23 18.37
CA GLN E 305 -6.65 1.11 18.72
C GLN E 305 -6.70 1.25 20.21
N LEU E 306 -7.32 0.31 20.90
CA LEU E 306 -7.46 0.36 22.34
C LEU E 306 -6.09 0.36 23.02
N TYR E 307 -5.18 -0.44 22.51
CA TYR E 307 -3.87 -0.45 23.08
C TYR E 307 -3.28 0.93 22.90
N HIS E 308 -3.31 1.46 21.69
CA HIS E 308 -2.71 2.75 21.38
C HIS E 308 -3.26 3.84 22.29
N MET E 309 -4.57 3.84 22.52
CA MET E 309 -5.16 4.83 23.43
C MET E 309 -4.67 4.61 24.85
N ALA E 310 -4.53 3.34 25.26
CA ALA E 310 -4.05 3.03 26.59
C ALA E 310 -2.63 3.53 26.80
N LEU E 311 -1.80 3.40 25.77
CA LEU E 311 -0.42 3.89 25.88
C LEU E 311 -0.39 5.38 26.16
N GLY E 312 -1.24 6.16 25.47
CA GLY E 312 -1.36 7.56 25.80
C GLY E 312 -1.92 7.79 27.18
N VAL E 313 -2.82 6.92 27.63
CA VAL E 313 -3.38 7.05 28.98
C VAL E 313 -2.27 6.93 30.03
N LYS E 314 -1.38 5.97 29.82
CA LYS E 314 -0.26 5.79 30.74
C LYS E 314 0.68 6.98 30.63
C13 A1D8M F . -36.40 -9.13 19.64
C15 A1D8M F . -36.82 -7.99 25.34
C20 A1D8M F . -36.02 -6.92 34.19
C21 A1D8M F . -36.23 -6.93 35.58
C22 A1D8M F . -36.85 -8.04 36.21
C26 A1D8M F . -36.18 -7.48 39.91
C28 A1D8M F . -34.76 -7.65 40.51
C01 A1D8M F . -38.85 -9.87 28.90
C02 A1D8M F . -37.46 -10.48 28.66
C03 A1D8M F . -36.30 -9.46 28.68
O04 A1D8M F . -36.43 -8.49 27.63
C05 A1D8M F . -36.31 -8.88 26.31
C06 A1D8M F . -35.74 -10.10 25.87
C07 A1D8M F . -35.73 -10.43 24.50
C08 A1D8M F . -36.28 -9.56 23.54
C09 A1D8M F . -36.31 -9.96 22.11
O10 A1D8M F . -35.97 -11.08 21.72
C11 A1D8M F . -36.79 -8.95 21.10
C12 A1D8M F . -35.74 -8.07 20.47
C14 A1D8M F . -36.81 -8.32 23.97
C16 A1D8M F . -36.26 -8.67 29.95
N17 A1D8M F . -36.45 -9.14 31.19
C18 A1D8M F . -36.22 -8.02 31.92
C19 A1D8M F . -36.41 -8.02 33.39
C23 A1D8M F . -37.14 -8.02 37.68
O24 A1D8M F . -38.24 -8.39 38.12
N25 A1D8M F . -36.14 -7.59 38.46
C27 A1D8M F . -36.81 -6.15 40.32
O29 A1D8M F . -34.76 -8.60 41.56
C30 A1D8M F . -37.24 -9.14 35.42
F31 A1D8M F . -37.86 -10.21 35.97
C32 A1D8M F . -37.02 -9.12 34.03
N33 A1D8M F . -35.87 -6.93 31.25
O34 A1D8M F . -35.87 -7.37 29.92
H132 A1D8M F . -37.12 -8.81 18.88
H131 A1D8M F . -35.79 -9.99 19.35
HC15 A1D8M F . -37.24 -7.05 25.65
HC20 A1D8M F . -35.55 -6.06 33.74
HC21 A1D8M F . -35.93 -6.07 36.16
HC26 A1D8M F . -36.81 -8.29 40.28
H282 A1D8M F . -34.05 -7.98 39.75
H281 A1D8M F . -34.38 -6.70 40.88
H011 A1D8M F . -39.63 -10.63 28.81
H013 A1D8M F . -39.07 -9.08 28.17
H012 A1D8M F . -38.94 -9.45 29.89
H021 A1D8M F . -37.48 -11.03 27.72
H022 A1D8M F . -37.28 -11.24 29.42
HC03 A1D8M F . -35.33 -9.97 28.59
HC06 A1D8M F . -35.32 -10.80 26.57
HC07 A1D8M F . -35.30 -11.38 24.20
HC11 A1D8M F . -37.77 -8.51 21.28
H122 A1D8M F . -34.69 -8.23 20.73
H121 A1D8M F . -36.01 -7.04 20.24
HC14 A1D8M F . -37.24 -7.63 23.27
HN25 A1D8M F . -35.26 -7.35 38.00
H272 A1D8M F . -36.20 -5.30 40.00
H271 A1D8M F . -36.93 -6.08 41.40
H273 A1D8M F . -37.80 -6.02 39.87
HO29 A1D8M F . -34.51 -9.45 41.22
HC32 A1D8M F . -37.34 -9.96 33.44
#